data_220D
# 
_entry.id   220D 
# 
_audit_conform.dict_name       mmcif_pdbx.dic 
_audit_conform.dict_version    5.387 
_audit_conform.dict_location   http://mmcif.pdb.org/dictionaries/ascii/mmcif_pdbx.dic 
# 
loop_
_database_2.database_id 
_database_2.database_code 
_database_2.pdbx_database_accession 
_database_2.pdbx_DOI 
PDB   220D         pdb_0000220d 10.2210/pdb220d/pdb 
RCSB  ADJ066       ?            ?                   
WWPDB D_1000177589 ?            ?                   
# 
loop_
_pdbx_audit_revision_history.ordinal 
_pdbx_audit_revision_history.data_content_type 
_pdbx_audit_revision_history.major_revision 
_pdbx_audit_revision_history.minor_revision 
_pdbx_audit_revision_history.revision_date 
1 'Structure model' 1 0 1996-01-31 
2 'Structure model' 1 1 2008-05-22 
3 'Structure model' 1 2 2011-07-13 
4 'Structure model' 1 3 2024-02-14 
# 
_pdbx_audit_revision_details.ordinal             1 
_pdbx_audit_revision_details.revision_ordinal    1 
_pdbx_audit_revision_details.data_content_type   'Structure model' 
_pdbx_audit_revision_details.provider            repository 
_pdbx_audit_revision_details.type                'Initial release' 
_pdbx_audit_revision_details.description         ? 
_pdbx_audit_revision_details.details             ? 
# 
loop_
_pdbx_audit_revision_group.ordinal 
_pdbx_audit_revision_group.revision_ordinal 
_pdbx_audit_revision_group.data_content_type 
_pdbx_audit_revision_group.group 
1 2 'Structure model' 'Version format compliance' 
2 3 'Structure model' 'Version format compliance' 
3 4 'Structure model' 'Data collection'           
4 4 'Structure model' 'Database references'       
5 4 'Structure model' 'Derived calculations'      
# 
loop_
_pdbx_audit_revision_category.ordinal 
_pdbx_audit_revision_category.revision_ordinal 
_pdbx_audit_revision_category.data_content_type 
_pdbx_audit_revision_category.category 
1 4 'Structure model' chem_comp_atom 
2 4 'Structure model' chem_comp_bond 
3 4 'Structure model' database_2     
4 4 'Structure model' struct_site    
# 
loop_
_pdbx_audit_revision_item.ordinal 
_pdbx_audit_revision_item.revision_ordinal 
_pdbx_audit_revision_item.data_content_type 
_pdbx_audit_revision_item.item 
1 4 'Structure model' '_database_2.pdbx_DOI'                
2 4 'Structure model' '_database_2.pdbx_database_accession' 
3 4 'Structure model' '_struct_site.pdbx_auth_asym_id'      
4 4 'Structure model' '_struct_site.pdbx_auth_comp_id'      
5 4 'Structure model' '_struct_site.pdbx_auth_seq_id'       
# 
_pdbx_database_status.status_code                     REL 
_pdbx_database_status.entry_id                        220D 
_pdbx_database_status.recvd_initial_deposition_date   1995-06-26 
_pdbx_database_status.deposit_site                    BNL 
_pdbx_database_status.process_site                    NDB 
_pdbx_database_status.SG_entry                        . 
_pdbx_database_status.pdb_format_compatible           Y 
_pdbx_database_status.status_code_mr                  ? 
_pdbx_database_status.status_code_sf                  ? 
_pdbx_database_status.status_code_cs                  ? 
_pdbx_database_status.status_code_nmr_data            ? 
_pdbx_database_status.methods_development_category    ? 
# 
loop_
_audit_author.name 
_audit_author.pdbx_ordinal 
'Gao, Y.-G.'     1 
'Robinson, H.'   2 
'Van Boom, J.H.' 3 
'Wang, A.H.-J.'  4 
# 
_citation.id                        primary 
_citation.title                     
'Influence of counter-ions on the crystal structures of DNA decamers: binding of [Co(NH3)6]3+ and Ba2+ to A-DNA.' 
_citation.journal_abbrev            Biophys.J. 
_citation.journal_volume            69 
_citation.page_first                559 
_citation.page_last                 568 
_citation.year                      1995 
_citation.journal_id_ASTM           BIOJAU 
_citation.country                   US 
_citation.journal_id_ISSN           0006-3495 
_citation.journal_id_CSD            0030 
_citation.book_publisher            ? 
_citation.pdbx_database_id_PubMed   8527670 
_citation.pdbx_database_id_DOI      ? 
# 
loop_
_citation_author.citation_id 
_citation_author.name 
_citation_author.ordinal 
_citation_author.identifier_ORCID 
primary 'Gao, Y.G.'      1 ? 
primary 'Robinson, H.'   2 ? 
primary 'van Boom, J.H.' 3 ? 
primary 'Wang, A.H.'     4 ? 
# 
loop_
_entity.id 
_entity.type 
_entity.src_method 
_entity.pdbx_description 
_entity.formula_weight 
_entity.pdbx_number_of_molecules 
_entity.pdbx_ec 
_entity.pdbx_mutation 
_entity.pdbx_fragment 
_entity.details 
1 polymer     syn 
;DNA (5'-D(*AP*CP*CP*CP*GP*CP*GP*GP*GP*T)-3')
;
3045.992 1  ? ? ? ? 
2 non-polymer syn 'BARIUM ION'                                   137.327  1  ? ? ? ? 
3 water       nat water                                          18.015   48 ? ? ? ? 
# 
_entity_poly.entity_id                      1 
_entity_poly.type                           polydeoxyribonucleotide 
_entity_poly.nstd_linkage                   no 
_entity_poly.nstd_monomer                   no 
_entity_poly.pdbx_seq_one_letter_code       '(DA)(DC)(DC)(DC)(DG)(DC)(DG)(DG)(DG)(DT)' 
_entity_poly.pdbx_seq_one_letter_code_can   ACCCGCGGGT 
_entity_poly.pdbx_strand_id                 A 
_entity_poly.pdbx_target_identifier         ? 
# 
loop_
_pdbx_entity_nonpoly.entity_id 
_pdbx_entity_nonpoly.name 
_pdbx_entity_nonpoly.comp_id 
2 'BARIUM ION' BA  
3 water        HOH 
# 
loop_
_entity_poly_seq.entity_id 
_entity_poly_seq.num 
_entity_poly_seq.mon_id 
_entity_poly_seq.hetero 
1 1  DA n 
1 2  DC n 
1 3  DC n 
1 4  DC n 
1 5  DG n 
1 6  DC n 
1 7  DG n 
1 8  DG n 
1 9  DG n 
1 10 DT n 
# 
loop_
_chem_comp.id 
_chem_comp.type 
_chem_comp.mon_nstd_flag 
_chem_comp.name 
_chem_comp.pdbx_synonyms 
_chem_comp.formula 
_chem_comp.formula_weight 
BA  non-polymer   . 'BARIUM ION'                         ? 'Ba 2'            137.327 
DA  'DNA linking' y "2'-DEOXYADENOSINE-5'-MONOPHOSPHATE" ? 'C10 H14 N5 O6 P' 331.222 
DC  'DNA linking' y "2'-DEOXYCYTIDINE-5'-MONOPHOSPHATE"  ? 'C9 H14 N3 O7 P'  307.197 
DG  'DNA linking' y "2'-DEOXYGUANOSINE-5'-MONOPHOSPHATE" ? 'C10 H14 N5 O7 P' 347.221 
DT  'DNA linking' y "THYMIDINE-5'-MONOPHOSPHATE"         ? 'C10 H15 N2 O8 P' 322.208 
HOH non-polymer   . WATER                                ? 'H2 O'            18.015  
# 
loop_
_pdbx_poly_seq_scheme.asym_id 
_pdbx_poly_seq_scheme.entity_id 
_pdbx_poly_seq_scheme.seq_id 
_pdbx_poly_seq_scheme.mon_id 
_pdbx_poly_seq_scheme.ndb_seq_num 
_pdbx_poly_seq_scheme.pdb_seq_num 
_pdbx_poly_seq_scheme.auth_seq_num 
_pdbx_poly_seq_scheme.pdb_mon_id 
_pdbx_poly_seq_scheme.auth_mon_id 
_pdbx_poly_seq_scheme.pdb_strand_id 
_pdbx_poly_seq_scheme.pdb_ins_code 
_pdbx_poly_seq_scheme.hetero 
A 1 1  DA 1  1  1  DA A A . n 
A 1 2  DC 2  2  2  DC C A . n 
A 1 3  DC 3  3  3  DC C A . n 
A 1 4  DC 4  4  4  DC C A . n 
A 1 5  DG 5  5  5  DG G A . n 
A 1 6  DC 6  6  6  DC C A . n 
A 1 7  DG 7  7  7  DG G A . n 
A 1 8  DG 8  8  8  DG G A . n 
A 1 9  DG 9  9  9  DG G A . n 
A 1 10 DT 10 10 10 DT T A . n 
# 
loop_
_pdbx_nonpoly_scheme.asym_id 
_pdbx_nonpoly_scheme.entity_id 
_pdbx_nonpoly_scheme.mon_id 
_pdbx_nonpoly_scheme.ndb_seq_num 
_pdbx_nonpoly_scheme.pdb_seq_num 
_pdbx_nonpoly_scheme.auth_seq_num 
_pdbx_nonpoly_scheme.pdb_mon_id 
_pdbx_nonpoly_scheme.auth_mon_id 
_pdbx_nonpoly_scheme.pdb_strand_id 
_pdbx_nonpoly_scheme.pdb_ins_code 
B 2 BA  1  11 11 BA  BA  A . 
C 3 HOH 1  12 12 HOH HOH A . 
C 3 HOH 2  13 13 HOH HOH A . 
C 3 HOH 3  14 14 HOH HOH A . 
C 3 HOH 4  15 15 HOH HOH A . 
C 3 HOH 5  16 16 HOH HOH A . 
C 3 HOH 6  17 17 HOH HOH A . 
C 3 HOH 7  18 18 HOH HOH A . 
C 3 HOH 8  19 19 HOH HOH A . 
C 3 HOH 9  20 20 HOH HOH A . 
C 3 HOH 10 21 21 HOH HOH A . 
C 3 HOH 11 22 22 HOH HOH A . 
C 3 HOH 12 23 23 HOH HOH A . 
C 3 HOH 13 24 24 HOH HOH A . 
C 3 HOH 14 25 25 HOH HOH A . 
C 3 HOH 15 26 26 HOH HOH A . 
C 3 HOH 16 27 27 HOH HOH A . 
C 3 HOH 17 28 28 HOH HOH A . 
C 3 HOH 18 29 29 HOH HOH A . 
C 3 HOH 19 30 30 HOH HOH A . 
C 3 HOH 20 31 31 HOH HOH A . 
C 3 HOH 21 32 32 HOH HOH A . 
C 3 HOH 22 33 33 HOH HOH A . 
C 3 HOH 23 34 34 HOH HOH A . 
C 3 HOH 24 35 35 HOH HOH A . 
C 3 HOH 25 36 36 HOH HOH A . 
C 3 HOH 26 37 37 HOH HOH A . 
C 3 HOH 27 38 38 HOH HOH A . 
C 3 HOH 28 39 39 HOH HOH A . 
C 3 HOH 29 40 40 HOH HOH A . 
C 3 HOH 30 41 41 HOH HOH A . 
C 3 HOH 31 42 42 HOH HOH A . 
C 3 HOH 32 43 43 HOH HOH A . 
C 3 HOH 33 44 44 HOH HOH A . 
C 3 HOH 34 45 45 HOH HOH A . 
C 3 HOH 35 46 46 HOH HOH A . 
C 3 HOH 36 47 47 HOH HOH A . 
C 3 HOH 37 48 48 HOH HOH A . 
C 3 HOH 38 49 49 HOH HOH A . 
C 3 HOH 39 50 50 HOH HOH A . 
C 3 HOH 40 51 51 HOH HOH A . 
C 3 HOH 41 52 52 HOH HOH A . 
C 3 HOH 42 53 53 HOH HOH A . 
C 3 HOH 43 54 54 HOH HOH A . 
C 3 HOH 44 55 55 HOH HOH A . 
C 3 HOH 45 56 56 HOH HOH A . 
C 3 HOH 46 57 57 HOH HOH A . 
C 3 HOH 47 58 58 HOH HOH A . 
C 3 HOH 48 59 59 HOH HOH A . 
# 
_software.name             NUCLSQ 
_software.classification   refinement 
_software.version          . 
_software.citation_id      ? 
_software.pdbx_ordinal     1 
# 
_cell.entry_id           220D 
_cell.length_a           40.123 
_cell.length_b           40.123 
_cell.length_c           78.224 
_cell.angle_alpha        90.00 
_cell.angle_beta         90.00 
_cell.angle_gamma        120.00 
_cell.Z_PDB              12 
_cell.pdbx_unique_axis   ? 
# 
_symmetry.entry_id                         220D 
_symmetry.space_group_name_H-M             'P 61 2 2' 
_symmetry.pdbx_full_space_group_name_H-M   ? 
_symmetry.cell_setting                     ? 
_symmetry.Int_Tables_number                178 
# 
_exptl.entry_id          220D 
_exptl.method            'X-RAY DIFFRACTION' 
_exptl.crystals_number   ? 
# 
_exptl_crystal.id                    1 
_exptl_crystal.density_meas          ? 
_exptl_crystal.density_Matthews      2.98 
_exptl_crystal.density_percent_sol   58.78 
_exptl_crystal.description           ? 
# 
_exptl_crystal_grow.crystal_id      1 
_exptl_crystal_grow.method          'VAPOR DIFFUSION' 
_exptl_crystal_grow.temp            ? 
_exptl_crystal_grow.temp_details    ? 
_exptl_crystal_grow.pH              6.50 
_exptl_crystal_grow.pdbx_details    'pH 6.50, VAPOR DIFFUSION' 
_exptl_crystal_grow.pdbx_pH_range   ? 
# 
loop_
_exptl_crystal_grow_comp.crystal_id 
_exptl_crystal_grow_comp.id 
_exptl_crystal_grow_comp.sol_id 
_exptl_crystal_grow_comp.name 
_exptl_crystal_grow_comp.volume 
_exptl_crystal_grow_comp.conc 
_exptl_crystal_grow_comp.details 
1 1 1 WATER           ? ? ? 
1 2 1 MPD             ? ? ? 
1 3 1 'NA CACODYLATE' ? ? ? 
1 4 1 BA2+            ? ? ? 
1 5 3 WATER           ? ? ? 
1 6 3 BA2+            ? ? ? 
# 
_diffrn.id                     1 
_diffrn.ambient_temp           ? 
_diffrn.ambient_temp_details   'ROOM TEMPERATURE' 
_diffrn.crystal_id             1 
# 
_diffrn_detector.diffrn_id              1 
_diffrn_detector.detector               'IMAGE PLATE' 
_diffrn_detector.type                   'RIGAKU RAXIS IIC' 
_diffrn_detector.pdbx_collection_date   ? 
_diffrn_detector.details                ? 
# 
_diffrn_radiation.diffrn_id                        1 
_diffrn_radiation.wavelength_id                    1 
_diffrn_radiation.pdbx_monochromatic_or_laue_m_l   ? 
_diffrn_radiation.monochromator                    ? 
_diffrn_radiation.pdbx_diffrn_protocol             ? 
_diffrn_radiation.pdbx_scattering_type             x-ray 
# 
_diffrn_radiation_wavelength.id           1 
_diffrn_radiation_wavelength.wavelength   . 
_diffrn_radiation_wavelength.wt           1.0 
# 
_diffrn_source.diffrn_id                   1 
_diffrn_source.source                      'ROTATING ANODE' 
_diffrn_source.type                        'RIGAKU RU200' 
_diffrn_source.pdbx_synchrotron_site       ? 
_diffrn_source.pdbx_synchrotron_beamline   ? 
_diffrn_source.pdbx_wavelength             ? 
_diffrn_source.pdbx_wavelength_list        ? 
# 
_reflns.entry_id                     220D 
_reflns.observed_criterion_sigma_I   ? 
_reflns.observed_criterion_sigma_F   ? 
_reflns.d_resolution_low             ? 
_reflns.d_resolution_high            2.000 
_reflns.number_obs                   1817 
_reflns.number_all                   ? 
_reflns.percent_possible_obs         ? 
_reflns.pdbx_Rmerge_I_obs            ? 
_reflns.pdbx_Rsym_value              ? 
_reflns.pdbx_netI_over_sigmaI        ? 
_reflns.B_iso_Wilson_estimate        ? 
_reflns.pdbx_redundancy              ? 
_reflns.pdbx_diffrn_id               1 
_reflns.pdbx_ordinal                 1 
# 
_refine.entry_id                                 220D 
_refine.ls_number_reflns_obs                     1817 
_refine.ls_number_reflns_all                     ? 
_refine.pdbx_ls_sigma_I                          ? 
_refine.pdbx_ls_sigma_F                          4.000 
_refine.pdbx_data_cutoff_high_absF               ? 
_refine.pdbx_data_cutoff_low_absF                ? 
_refine.pdbx_data_cutoff_high_rms_absF           ? 
_refine.ls_d_res_low                             ? 
_refine.ls_d_res_high                            2.000 
_refine.ls_percent_reflns_obs                    ? 
_refine.ls_R_factor_obs                          0.2060000 
_refine.ls_R_factor_all                          ? 
_refine.ls_R_factor_R_work                       ? 
_refine.ls_R_factor_R_free                       ? 
_refine.ls_R_factor_R_free_error                 ? 
_refine.ls_R_factor_R_free_error_details         ? 
_refine.ls_percent_reflns_R_free                 ? 
_refine.ls_number_reflns_R_free                  ? 
_refine.ls_number_parameters                     ? 
_refine.ls_number_restraints                     ? 
_refine.occupancy_min                            ? 
_refine.occupancy_max                            ? 
_refine.B_iso_mean                               ? 
_refine.aniso_B[1][1]                            ? 
_refine.aniso_B[2][2]                            ? 
_refine.aniso_B[3][3]                            ? 
_refine.aniso_B[1][2]                            ? 
_refine.aniso_B[1][3]                            ? 
_refine.aniso_B[2][3]                            ? 
_refine.solvent_model_details                    ? 
_refine.solvent_model_param_ksol                 ? 
_refine.solvent_model_param_bsol                 ? 
_refine.pdbx_ls_cross_valid_method               ? 
_refine.details                                  ? 
_refine.pdbx_starting_model                      ? 
_refine.pdbx_method_to_determine_struct          ? 
_refine.pdbx_isotropic_thermal_model             ? 
_refine.pdbx_stereochemistry_target_values       ? 
_refine.pdbx_stereochem_target_val_spec_case     ? 
_refine.pdbx_R_Free_selection_details            ? 
_refine.pdbx_overall_ESU_R                       ? 
_refine.pdbx_overall_ESU_R_Free                  ? 
_refine.overall_SU_ML                            ? 
_refine.overall_SU_B                             ? 
_refine.pdbx_refine_id                           'X-RAY DIFFRACTION' 
_refine.pdbx_diffrn_id                           1 
_refine.pdbx_TLS_residual_ADP_flag               ? 
_refine.correlation_coeff_Fo_to_Fc               ? 
_refine.correlation_coeff_Fo_to_Fc_free          ? 
_refine.pdbx_solvent_vdw_probe_radii             ? 
_refine.pdbx_solvent_ion_probe_radii             ? 
_refine.pdbx_solvent_shrinkage_radii             ? 
_refine.pdbx_overall_phase_error                 ? 
_refine.overall_SU_R_Cruickshank_DPI             ? 
_refine.pdbx_overall_SU_R_free_Cruickshank_DPI   ? 
_refine.pdbx_overall_SU_R_Blow_DPI               ? 
_refine.pdbx_overall_SU_R_free_Blow_DPI          ? 
# 
_refine_hist.pdbx_refine_id                   'X-RAY DIFFRACTION' 
_refine_hist.cycle_id                         LAST 
_refine_hist.pdbx_number_atoms_protein        0 
_refine_hist.pdbx_number_atoms_nucleic_acid   202 
_refine_hist.pdbx_number_atoms_ligand         1 
_refine_hist.number_atoms_solvent             48 
_refine_hist.number_atoms_total               251 
_refine_hist.d_res_high                       2.000 
_refine_hist.d_res_low                        . 
# 
loop_
_refine_ls_restr.type 
_refine_ls_restr.dev_ideal 
_refine_ls_restr.dev_ideal_target 
_refine_ls_restr.weight 
_refine_ls_restr.number 
_refine_ls_restr.pdbx_refine_id 
_refine_ls_restr.pdbx_restraint_function 
n_bond_d               0.025 ? ? ? 'X-RAY DIFFRACTION' ? 
n_angle_d              ?     ? ? ? 'X-RAY DIFFRACTION' ? 
n_planar_d             ?     ? ? ? 'X-RAY DIFFRACTION' ? 
n_hb_or_metal_coord    ?     ? ? ? 'X-RAY DIFFRACTION' ? 
n_sugar_bond_it        ?     ? ? ? 'X-RAY DIFFRACTION' ? 
n_sugar_angle_it       ?     ? ? ? 'X-RAY DIFFRACTION' ? 
n_phos_bond_it         ?     ? ? ? 'X-RAY DIFFRACTION' ? 
n_phos_angle_it        ?     ? ? ? 'X-RAY DIFFRACTION' ? 
n_bond_angle_restr     ?     ? ? ? 'X-RAY DIFFRACTION' ? 
n_dihedral_angle_restr ?     ? ? ? 'X-RAY DIFFRACTION' ? 
n_impr_tor             ?     ? ? ? 'X-RAY DIFFRACTION' ? 
n_sugar_bond_d         ?     ? ? ? 'X-RAY DIFFRACTION' ? 
n_sugar_bond_angle_d   ?     ? ? ? 'X-RAY DIFFRACTION' ? 
n_phos_bond_d          ?     ? ? ? 'X-RAY DIFFRACTION' ? 
n_phos_bond_angle_d    ?     ? ? ? 'X-RAY DIFFRACTION' ? 
n_plane_restr          ?     ? ? ? 'X-RAY DIFFRACTION' ? 
n_chiral_restr         ?     ? ? ? 'X-RAY DIFFRACTION' ? 
n_singtor_nbd          ?     ? ? ? 'X-RAY DIFFRACTION' ? 
n_multtor_nbd          ?     ? ? ? 'X-RAY DIFFRACTION' ? 
n_xhyhbond_nbd         ?     ? ? ? 'X-RAY DIFFRACTION' ? 
# 
_struct.entry_id                  220D 
_struct.title                     
'INFLUENCE OF COUNTER-IONS ON THE CRYSTAL STRUCTURES OF DNA DECAMERS: BINDING OF [CO(NH3)6]3+ AND BA2+ TO A-DNA' 
_struct.pdbx_model_details        ? 
_struct.pdbx_CASP_flag            ? 
_struct.pdbx_model_type_details   ? 
# 
_struct_keywords.entry_id        220D 
_struct_keywords.pdbx_keywords   DNA 
_struct_keywords.text            'A-DNA, DOUBLE HELIX, DNA' 
# 
loop_
_struct_asym.id 
_struct_asym.pdbx_blank_PDB_chainid_flag 
_struct_asym.pdbx_modified 
_struct_asym.entity_id 
_struct_asym.details 
A N N 1 ? 
B N N 2 ? 
C N N 3 ? 
# 
_struct_ref.id                         1 
_struct_ref.entity_id                  1 
_struct_ref.db_name                    PDB 
_struct_ref.db_code                    220D 
_struct_ref.pdbx_db_accession          220D 
_struct_ref.pdbx_db_isoform            ? 
_struct_ref.pdbx_seq_one_letter_code   ? 
_struct_ref.pdbx_align_begin           ? 
# 
_struct_ref_seq.align_id                      1 
_struct_ref_seq.ref_id                        1 
_struct_ref_seq.pdbx_PDB_id_code              220D 
_struct_ref_seq.pdbx_strand_id                A 
_struct_ref_seq.seq_align_beg                 1 
_struct_ref_seq.pdbx_seq_align_beg_ins_code   ? 
_struct_ref_seq.seq_align_end                 10 
_struct_ref_seq.pdbx_seq_align_end_ins_code   ? 
_struct_ref_seq.pdbx_db_accession             220D 
_struct_ref_seq.db_align_beg                  1 
_struct_ref_seq.pdbx_db_align_beg_ins_code    ? 
_struct_ref_seq.db_align_end                  10 
_struct_ref_seq.pdbx_db_align_end_ins_code    ? 
_struct_ref_seq.pdbx_auth_seq_align_beg       1 
_struct_ref_seq.pdbx_auth_seq_align_end       10 
# 
_pdbx_struct_assembly.id                   1 
_pdbx_struct_assembly.details              author_defined_assembly 
_pdbx_struct_assembly.method_details       ? 
_pdbx_struct_assembly.oligomeric_details   dimeric 
_pdbx_struct_assembly.oligomeric_count     2 
# 
_pdbx_struct_assembly_gen.assembly_id       1 
_pdbx_struct_assembly_gen.oper_expression   1,2 
_pdbx_struct_assembly_gen.asym_id_list      A,B,C 
# 
loop_
_pdbx_struct_oper_list.id 
_pdbx_struct_oper_list.type 
_pdbx_struct_oper_list.name 
_pdbx_struct_oper_list.symmetry_operation 
_pdbx_struct_oper_list.matrix[1][1] 
_pdbx_struct_oper_list.matrix[1][2] 
_pdbx_struct_oper_list.matrix[1][3] 
_pdbx_struct_oper_list.vector[1] 
_pdbx_struct_oper_list.matrix[2][1] 
_pdbx_struct_oper_list.matrix[2][2] 
_pdbx_struct_oper_list.matrix[2][3] 
_pdbx_struct_oper_list.vector[2] 
_pdbx_struct_oper_list.matrix[3][1] 
_pdbx_struct_oper_list.matrix[3][2] 
_pdbx_struct_oper_list.matrix[3][3] 
_pdbx_struct_oper_list.vector[3] 
1 'identity operation'         1_555  x,y,z         1.0000000000  0.0000000000  0.0000000000  0.0000000000 0.0000000000  1.0000000000  0.0000000000 0.0000000000 0.0000000000  0.0000000000 1.0000000000 0.0000000000 
2 'crystal symmetry operation' 11_555 -x+y,y,-z+1/2 -0.2224234348 -0.2442487873 -0.9438592827 4.5898114685 -0.2442487873 -0.9232776903 0.2964807525 2.2755203217 -0.9438592827 0.2964807525 0.1457011251 3.1923580271 
# 
_struct_biol.id   1 
# 
loop_
_struct_conn.id 
_struct_conn.conn_type_id 
_struct_conn.pdbx_leaving_atom_flag 
_struct_conn.pdbx_PDB_id 
_struct_conn.ptnr1_label_asym_id 
_struct_conn.ptnr1_label_comp_id 
_struct_conn.ptnr1_label_seq_id 
_struct_conn.ptnr1_label_atom_id 
_struct_conn.pdbx_ptnr1_label_alt_id 
_struct_conn.pdbx_ptnr1_PDB_ins_code 
_struct_conn.pdbx_ptnr1_standard_comp_id 
_struct_conn.ptnr1_symmetry 
_struct_conn.ptnr2_label_asym_id 
_struct_conn.ptnr2_label_comp_id 
_struct_conn.ptnr2_label_seq_id 
_struct_conn.ptnr2_label_atom_id 
_struct_conn.pdbx_ptnr2_label_alt_id 
_struct_conn.pdbx_ptnr2_PDB_ins_code 
_struct_conn.ptnr1_auth_asym_id 
_struct_conn.ptnr1_auth_comp_id 
_struct_conn.ptnr1_auth_seq_id 
_struct_conn.ptnr2_auth_asym_id 
_struct_conn.ptnr2_auth_comp_id 
_struct_conn.ptnr2_auth_seq_id 
_struct_conn.ptnr2_symmetry 
_struct_conn.pdbx_ptnr3_label_atom_id 
_struct_conn.pdbx_ptnr3_label_seq_id 
_struct_conn.pdbx_ptnr3_label_comp_id 
_struct_conn.pdbx_ptnr3_label_asym_id 
_struct_conn.pdbx_ptnr3_label_alt_id 
_struct_conn.pdbx_ptnr3_PDB_ins_code 
_struct_conn.details 
_struct_conn.pdbx_dist_value 
_struct_conn.pdbx_value_order 
_struct_conn.pdbx_role 
hydrog1  hydrog ? ? A DA 1  N1 ? ? ? 1_555 A DT 10 N3 ? ? A DA 1  A DT 10 11_555 ? ? ? ? ? ? WATSON-CRICK ? ? ? 
hydrog2  hydrog ? ? A DA 1  N6 ? ? ? 1_555 A DT 10 O4 ? ? A DA 1  A DT 10 11_555 ? ? ? ? ? ? WATSON-CRICK ? ? ? 
hydrog3  hydrog ? ? A DC 2  N3 ? ? ? 1_555 A DG 9  N1 ? ? A DC 2  A DG 9  11_555 ? ? ? ? ? ? WATSON-CRICK ? ? ? 
hydrog4  hydrog ? ? A DC 2  N4 ? ? ? 1_555 A DG 9  O6 ? ? A DC 2  A DG 9  11_555 ? ? ? ? ? ? WATSON-CRICK ? ? ? 
hydrog5  hydrog ? ? A DC 2  O2 ? ? ? 1_555 A DG 9  N2 ? ? A DC 2  A DG 9  11_555 ? ? ? ? ? ? WATSON-CRICK ? ? ? 
hydrog6  hydrog ? ? A DC 3  N3 ? ? ? 1_555 A DG 8  N1 ? ? A DC 3  A DG 8  11_555 ? ? ? ? ? ? WATSON-CRICK ? ? ? 
hydrog7  hydrog ? ? A DC 3  N4 ? ? ? 1_555 A DG 8  O6 ? ? A DC 3  A DG 8  11_555 ? ? ? ? ? ? WATSON-CRICK ? ? ? 
hydrog8  hydrog ? ? A DC 3  O2 ? ? ? 1_555 A DG 8  N2 ? ? A DC 3  A DG 8  11_555 ? ? ? ? ? ? WATSON-CRICK ? ? ? 
hydrog9  hydrog ? ? A DC 4  N3 ? ? ? 1_555 A DG 7  N1 ? ? A DC 4  A DG 7  11_555 ? ? ? ? ? ? WATSON-CRICK ? ? ? 
hydrog10 hydrog ? ? A DC 4  N4 ? ? ? 1_555 A DG 7  O6 ? ? A DC 4  A DG 7  11_555 ? ? ? ? ? ? WATSON-CRICK ? ? ? 
hydrog11 hydrog ? ? A DC 4  O2 ? ? ? 1_555 A DG 7  N2 ? ? A DC 4  A DG 7  11_555 ? ? ? ? ? ? WATSON-CRICK ? ? ? 
hydrog12 hydrog ? ? A DG 5  N1 ? ? ? 1_555 A DC 6  N3 ? ? A DG 5  A DC 6  11_555 ? ? ? ? ? ? WATSON-CRICK ? ? ? 
hydrog13 hydrog ? ? A DG 5  N2 ? ? ? 1_555 A DC 6  O2 ? ? A DG 5  A DC 6  11_555 ? ? ? ? ? ? WATSON-CRICK ? ? ? 
hydrog14 hydrog ? ? A DG 5  O6 ? ? ? 1_555 A DC 6  N4 ? ? A DG 5  A DC 6  11_555 ? ? ? ? ? ? WATSON-CRICK ? ? ? 
hydrog15 hydrog ? ? A DC 6  N3 ? ? ? 1_555 A DG 5  N1 ? ? A DC 6  A DG 5  11_555 ? ? ? ? ? ? WATSON-CRICK ? ? ? 
hydrog16 hydrog ? ? A DC 6  N4 ? ? ? 1_555 A DG 5  O6 ? ? A DC 6  A DG 5  11_555 ? ? ? ? ? ? WATSON-CRICK ? ? ? 
hydrog17 hydrog ? ? A DC 6  O2 ? ? ? 1_555 A DG 5  N2 ? ? A DC 6  A DG 5  11_555 ? ? ? ? ? ? WATSON-CRICK ? ? ? 
hydrog18 hydrog ? ? A DG 7  N1 ? ? ? 1_555 A DC 4  N3 ? ? A DG 7  A DC 4  11_555 ? ? ? ? ? ? WATSON-CRICK ? ? ? 
hydrog19 hydrog ? ? A DG 7  N2 ? ? ? 1_555 A DC 4  O2 ? ? A DG 7  A DC 4  11_555 ? ? ? ? ? ? WATSON-CRICK ? ? ? 
hydrog20 hydrog ? ? A DG 7  O6 ? ? ? 1_555 A DC 4  N4 ? ? A DG 7  A DC 4  11_555 ? ? ? ? ? ? WATSON-CRICK ? ? ? 
hydrog21 hydrog ? ? A DG 8  N1 ? ? ? 1_555 A DC 3  N3 ? ? A DG 8  A DC 3  11_555 ? ? ? ? ? ? WATSON-CRICK ? ? ? 
hydrog22 hydrog ? ? A DG 8  N2 ? ? ? 1_555 A DC 3  O2 ? ? A DG 8  A DC 3  11_555 ? ? ? ? ? ? WATSON-CRICK ? ? ? 
hydrog23 hydrog ? ? A DG 8  O6 ? ? ? 1_555 A DC 3  N4 ? ? A DG 8  A DC 3  11_555 ? ? ? ? ? ? WATSON-CRICK ? ? ? 
hydrog24 hydrog ? ? A DG 9  N1 ? ? ? 1_555 A DC 2  N3 ? ? A DG 9  A DC 2  11_555 ? ? ? ? ? ? WATSON-CRICK ? ? ? 
hydrog25 hydrog ? ? A DG 9  N2 ? ? ? 1_555 A DC 2  O2 ? ? A DG 9  A DC 2  11_555 ? ? ? ? ? ? WATSON-CRICK ? ? ? 
hydrog26 hydrog ? ? A DG 9  O6 ? ? ? 1_555 A DC 2  N4 ? ? A DG 9  A DC 2  11_555 ? ? ? ? ? ? WATSON-CRICK ? ? ? 
hydrog27 hydrog ? ? A DT 10 N3 ? ? ? 1_555 A DA 1  N1 ? ? A DT 10 A DA 1  11_555 ? ? ? ? ? ? WATSON-CRICK ? ? ? 
hydrog28 hydrog ? ? A DT 10 O4 ? ? ? 1_555 A DA 1  N6 ? ? A DT 10 A DA 1  11_555 ? ? ? ? ? ? WATSON-CRICK ? ? ? 
# 
_struct_conn_type.id          hydrog 
_struct_conn_type.criteria    ? 
_struct_conn_type.reference   ? 
# 
_struct_site.id                   AC1 
_struct_site.pdbx_evidence_code   Software 
_struct_site.pdbx_auth_asym_id    A 
_struct_site.pdbx_auth_comp_id    BA 
_struct_site.pdbx_auth_seq_id     11 
_struct_site.pdbx_auth_ins_code   ? 
_struct_site.pdbx_num_residues    2 
_struct_site.details              'BINDING SITE FOR RESIDUE BA A 11' 
# 
loop_
_struct_site_gen.id 
_struct_site_gen.site_id 
_struct_site_gen.pdbx_num_res 
_struct_site_gen.label_comp_id 
_struct_site_gen.label_asym_id 
_struct_site_gen.label_seq_id 
_struct_site_gen.pdbx_auth_ins_code 
_struct_site_gen.auth_comp_id 
_struct_site_gen.auth_asym_id 
_struct_site_gen.auth_seq_id 
_struct_site_gen.label_atom_id 
_struct_site_gen.label_alt_id 
_struct_site_gen.symmetry 
_struct_site_gen.details 
1 AC1 2 DG A 7 ? DG A 7 . ? 7_555 ? 
2 AC1 2 DG A 8 ? DG A 8 . ? 7_555 ? 
# 
loop_
_pdbx_validate_symm_contact.id 
_pdbx_validate_symm_contact.PDB_model_num 
_pdbx_validate_symm_contact.auth_atom_id_1 
_pdbx_validate_symm_contact.auth_asym_id_1 
_pdbx_validate_symm_contact.auth_comp_id_1 
_pdbx_validate_symm_contact.auth_seq_id_1 
_pdbx_validate_symm_contact.PDB_ins_code_1 
_pdbx_validate_symm_contact.label_alt_id_1 
_pdbx_validate_symm_contact.site_symmetry_1 
_pdbx_validate_symm_contact.auth_atom_id_2 
_pdbx_validate_symm_contact.auth_asym_id_2 
_pdbx_validate_symm_contact.auth_comp_id_2 
_pdbx_validate_symm_contact.auth_seq_id_2 
_pdbx_validate_symm_contact.PDB_ins_code_2 
_pdbx_validate_symm_contact.label_alt_id_2 
_pdbx_validate_symm_contact.site_symmetry_2 
_pdbx_validate_symm_contact.dist 
1 1 O A HOH 14 ? ? 1_555 O A HOH 14 ? ? 11_555 1.36 
2 1 O A HOH 24 ? ? 1_555 O A HOH 24 ? ? 12_555 1.83 
3 1 O A HOH 53 ? ? 1_555 O A HOH 53 ? ? 10_665 1.84 
4 1 O A HOH 26 ? ? 1_555 O A HOH 26 ? ? 12_565 1.93 
# 
loop_
_pdbx_validate_rmsd_bond.id 
_pdbx_validate_rmsd_bond.PDB_model_num 
_pdbx_validate_rmsd_bond.auth_atom_id_1 
_pdbx_validate_rmsd_bond.auth_asym_id_1 
_pdbx_validate_rmsd_bond.auth_comp_id_1 
_pdbx_validate_rmsd_bond.auth_seq_id_1 
_pdbx_validate_rmsd_bond.PDB_ins_code_1 
_pdbx_validate_rmsd_bond.label_alt_id_1 
_pdbx_validate_rmsd_bond.auth_atom_id_2 
_pdbx_validate_rmsd_bond.auth_asym_id_2 
_pdbx_validate_rmsd_bond.auth_comp_id_2 
_pdbx_validate_rmsd_bond.auth_seq_id_2 
_pdbx_validate_rmsd_bond.PDB_ins_code_2 
_pdbx_validate_rmsd_bond.label_alt_id_2 
_pdbx_validate_rmsd_bond.bond_value 
_pdbx_validate_rmsd_bond.bond_target_value 
_pdbx_validate_rmsd_bond.bond_deviation 
_pdbx_validate_rmsd_bond.bond_standard_deviation 
_pdbx_validate_rmsd_bond.linker_flag 
1  1 C6    A DA 1 ? ? N1    A DA 1 ? ? 1.300 1.351 -0.051 0.007 N 
2  1 C5    A DA 1 ? ? N7    A DA 1 ? ? 1.349 1.388 -0.039 0.006 N 
3  1 P     A DC 2 ? ? "O5'" A DC 2 ? ? 1.497 1.593 -0.096 0.010 N 
4  1 "O4'" A DC 3 ? ? "C4'" A DC 3 ? ? 1.369 1.446 -0.077 0.010 N 
5  1 C4    A DC 3 ? ? C5    A DC 3 ? ? 1.355 1.425 -0.070 0.008 N 
6  1 P     A DC 4 ? ? "O5'" A DC 4 ? ? 1.674 1.593 0.081  0.010 N 
7  1 "C3'" A DC 4 ? ? "C2'" A DC 4 ? ? 1.630 1.518 0.112  0.012 N 
8  1 "C2'" A DC 4 ? ? "C1'" A DC 4 ? ? 1.431 1.518 -0.087 0.010 N 
9  1 "O4'" A DC 4 ? ? "C1'" A DC 4 ? ? 1.489 1.420 0.069  0.011 N 
10 1 "O3'" A DC 4 ? ? P     A DG 5 ? ? 1.523 1.607 -0.084 0.012 Y 
11 1 P     A DG 5 ? ? OP1   A DG 5 ? ? 1.627 1.485 0.142  0.017 N 
12 1 C8    A DG 5 ? ? N9    A DG 5 ? ? 1.314 1.374 -0.060 0.007 N 
13 1 P     A DC 6 ? ? OP1   A DC 6 ? ? 1.588 1.485 0.103  0.017 N 
14 1 P     A DC 6 ? ? "O5'" A DC 6 ? ? 1.525 1.593 -0.068 0.010 N 
15 1 "C5'" A DC 6 ? ? "C4'" A DC 6 ? ? 1.580 1.512 0.068  0.007 N 
16 1 "C2'" A DC 6 ? ? "C1'" A DC 6 ? ? 1.435 1.518 -0.083 0.010 N 
17 1 "O4'" A DC 6 ? ? "C1'" A DC 6 ? ? 1.498 1.420 0.078  0.011 N 
18 1 "O4'" A DC 6 ? ? "C4'" A DC 6 ? ? 1.375 1.446 -0.071 0.010 N 
19 1 "O3'" A DC 6 ? ? "C3'" A DC 6 ? ? 1.377 1.419 -0.042 0.006 N 
20 1 N3    A DC 6 ? ? C4    A DC 6 ? ? 1.391 1.335 0.056  0.007 N 
21 1 "C5'" A DG 7 ? ? "C4'" A DG 7 ? ? 1.579 1.512 0.067  0.007 N 
22 1 "C4'" A DG 7 ? ? "C3'" A DG 7 ? ? 1.433 1.521 -0.088 0.010 N 
23 1 C8    A DG 7 ? ? N9    A DG 7 ? ? 1.329 1.374 -0.045 0.007 N 
24 1 P     A DG 8 ? ? OP1   A DG 8 ? ? 1.589 1.485 0.104  0.017 N 
25 1 "C5'" A DG 8 ? ? "C4'" A DG 8 ? ? 1.577 1.512 0.065  0.007 N 
26 1 "C4'" A DG 8 ? ? "C3'" A DG 8 ? ? 1.458 1.521 -0.063 0.010 N 
27 1 C8    A DG 9 ? ? N9    A DG 9 ? ? 1.328 1.374 -0.046 0.007 N 
# 
loop_
_pdbx_validate_rmsd_angle.id 
_pdbx_validate_rmsd_angle.PDB_model_num 
_pdbx_validate_rmsd_angle.auth_atom_id_1 
_pdbx_validate_rmsd_angle.auth_asym_id_1 
_pdbx_validate_rmsd_angle.auth_comp_id_1 
_pdbx_validate_rmsd_angle.auth_seq_id_1 
_pdbx_validate_rmsd_angle.PDB_ins_code_1 
_pdbx_validate_rmsd_angle.label_alt_id_1 
_pdbx_validate_rmsd_angle.auth_atom_id_2 
_pdbx_validate_rmsd_angle.auth_asym_id_2 
_pdbx_validate_rmsd_angle.auth_comp_id_2 
_pdbx_validate_rmsd_angle.auth_seq_id_2 
_pdbx_validate_rmsd_angle.PDB_ins_code_2 
_pdbx_validate_rmsd_angle.label_alt_id_2 
_pdbx_validate_rmsd_angle.auth_atom_id_3 
_pdbx_validate_rmsd_angle.auth_asym_id_3 
_pdbx_validate_rmsd_angle.auth_comp_id_3 
_pdbx_validate_rmsd_angle.auth_seq_id_3 
_pdbx_validate_rmsd_angle.PDB_ins_code_3 
_pdbx_validate_rmsd_angle.label_alt_id_3 
_pdbx_validate_rmsd_angle.angle_value 
_pdbx_validate_rmsd_angle.angle_target_value 
_pdbx_validate_rmsd_angle.angle_deviation 
_pdbx_validate_rmsd_angle.angle_standard_deviation 
_pdbx_validate_rmsd_angle.linker_flag 
1  1 "O5'" A DA 1  ? ? "C5'" A DA 1  ? ? "C4'" A DA 1  ? ? 102.99 109.40 -6.41  0.80 N 
2  1 C6    A DA 1  ? ? N1    A DA 1  ? ? C2    A DA 1  ? ? 123.00 118.60 4.40   0.60 N 
3  1 N1    A DA 1  ? ? C2    A DA 1  ? ? N3    A DA 1  ? ? 124.25 129.30 -5.05  0.50 N 
4  1 N1    A DA 1  ? ? C6    A DA 1  ? ? N6    A DA 1  ? ? 128.57 118.60 9.97   0.60 N 
5  1 C5    A DA 1  ? ? C6    A DA 1  ? ? N6    A DA 1  ? ? 115.03 123.70 -8.67  0.80 N 
6  1 "O3'" A DA 1  ? ? P     A DC 2  ? ? OP2   A DC 2  ? ? 89.91  105.20 -15.29 2.20 Y 
7  1 "O3'" A DA 1  ? ? P     A DC 2  ? ? OP1   A DC 2  ? ? 120.30 110.50 9.80   1.10 Y 
8  1 "O4'" A DC 2  ? ? "C4'" A DC 2  ? ? "C3'" A DC 2  ? ? 100.91 104.50 -3.59  0.40 N 
9  1 "O4'" A DC 2  ? ? "C1'" A DC 2  ? ? N1    A DC 2  ? ? 103.15 108.00 -4.85  0.70 N 
10 1 N3    A DC 2  ? ? C4    A DC 2  ? ? N4    A DC 2  ? ? 112.26 118.00 -5.74  0.70 N 
11 1 C5    A DC 2  ? ? C4    A DC 2  ? ? N4    A DC 2  ? ? 127.99 120.20 7.79   0.70 N 
12 1 "O5'" A DC 3  ? ? "C5'" A DC 3  ? ? "C4'" A DC 3  ? ? 100.59 109.40 -8.81  0.80 N 
13 1 P     A DC 3  ? ? "O5'" A DC 3  ? ? "C5'" A DC 3  ? ? 100.76 120.90 -20.14 1.60 N 
14 1 "O4'" A DC 3  ? ? "C1'" A DC 3  ? ? N1    A DC 3  ? ? 110.61 108.30 2.31   0.30 N 
15 1 N3    A DC 3  ? ? C4    A DC 3  ? ? N4    A DC 3  ? ? 113.33 118.00 -4.67  0.70 N 
16 1 "C3'" A DC 3  ? ? "O3'" A DC 3  ? ? P     A DC 4  ? ? 108.75 119.70 -10.95 1.20 Y 
17 1 "O3'" A DC 3  ? ? P     A DC 4  ? ? "O5'" A DC 4  ? ? 88.90  104.00 -15.10 1.90 Y 
18 1 OP1   A DC 4  ? ? P     A DC 4  ? ? OP2   A DC 4  ? ? 138.90 119.60 19.30  1.50 N 
19 1 P     A DC 4  ? ? "O5'" A DC 4  ? ? "C5'" A DC 4  ? ? 109.31 120.90 -11.59 1.60 N 
20 1 OP1   A DG 5  ? ? P     A DG 5  ? ? OP2   A DG 5  ? ? 98.97  119.60 -20.63 1.50 N 
21 1 "O5'" A DG 5  ? ? P     A DG 5  ? ? OP1   A DG 5  ? ? 97.47  105.70 -8.23  0.90 N 
22 1 "O5'" A DG 5  ? ? P     A DG 5  ? ? OP2   A DG 5  ? ? 140.81 110.70 30.11  1.20 N 
23 1 "O5'" A DG 5  ? ? "C5'" A DG 5  ? ? "C4'" A DG 5  ? ? 102.34 109.40 -7.06  0.80 N 
24 1 P     A DG 5  ? ? "O5'" A DG 5  ? ? "C5'" A DG 5  ? ? 101.86 120.90 -19.04 1.60 N 
25 1 "O4'" A DG 5  ? ? "C1'" A DG 5  ? ? N9    A DG 5  ? ? 111.45 108.30 3.15   0.30 N 
26 1 C6    A DG 5  ? ? N1    A DG 5  ? ? C2    A DG 5  ? ? 118.08 125.10 -7.02  0.60 N 
27 1 N3    A DG 5  ? ? C4    A DG 5  ? ? C5    A DG 5  ? ? 125.54 128.60 -3.06  0.50 N 
28 1 C5    A DG 5  ? ? C6    A DG 5  ? ? N1    A DG 5  ? ? 116.19 111.50 4.69   0.50 N 
29 1 N1    A DG 5  ? ? C6    A DG 5  ? ? O6    A DG 5  ? ? 112.00 119.90 -7.90  0.60 N 
30 1 OP1   A DC 6  ? ? P     A DC 6  ? ? OP2   A DC 6  ? ? 103.44 119.60 -16.16 1.50 N 
31 1 "O5'" A DC 6  ? ? P     A DC 6  ? ? OP1   A DC 6  ? ? 96.85  105.70 -8.85  0.90 N 
32 1 "O5'" A DC 6  ? ? P     A DC 6  ? ? OP2   A DC 6  ? ? 136.84 110.70 26.14  1.20 N 
33 1 "O4'" A DC 6  ? ? "C4'" A DC 6  ? ? "C3'" A DC 6  ? ? 101.17 104.50 -3.33  0.40 N 
34 1 "C3'" A DC 6  ? ? "C2'" A DC 6  ? ? "C1'" A DC 6  ? ? 96.23  102.40 -6.17  0.80 N 
35 1 "O4'" A DC 6  ? ? "C1'" A DC 6  ? ? N1    A DC 6  ? ? 102.39 108.00 -5.61  0.70 N 
36 1 C6    A DC 6  ? ? N1    A DC 6  ? ? C2    A DC 6  ? ? 124.31 120.30 4.01   0.40 N 
37 1 "C3'" A DC 6  ? ? "O3'" A DC 6  ? ? P     A DG 7  ? ? 109.22 119.70 -10.48 1.20 Y 
38 1 OP1   A DG 7  ? ? P     A DG 7  ? ? OP2   A DG 7  ? ? 133.60 119.60 14.00  1.50 N 
39 1 "O5'" A DG 7  ? ? P     A DG 7  ? ? OP1   A DG 7  ? ? 97.79  105.70 -7.91  0.90 N 
40 1 "O5'" A DG 7  ? ? "C5'" A DG 7  ? ? "C4'" A DG 7  ? ? 101.88 109.40 -7.52  0.80 N 
41 1 P     A DG 7  ? ? "O5'" A DG 7  ? ? "C5'" A DG 7  ? ? 109.22 120.90 -11.68 1.60 N 
42 1 C5    A DG 7  ? ? C6    A DG 7  ? ? N1    A DG 7  ? ? 115.33 111.50 3.83   0.50 N 
43 1 N1    A DG 7  ? ? C6    A DG 7  ? ? O6    A DG 7  ? ? 112.07 119.90 -7.83  0.60 N 
44 1 C5    A DG 7  ? ? C6    A DG 7  ? ? O6    A DG 7  ? ? 132.55 128.60 3.95   0.60 N 
45 1 "O3'" A DG 7  ? ? P     A DG 8  ? ? OP2   A DG 8  ? ? 135.01 110.50 24.51  1.10 Y 
46 1 "O5'" A DG 8  ? ? P     A DG 8  ? ? OP1   A DG 8  ? ? 99.57  105.70 -6.13  0.90 N 
47 1 "O5'" A DG 8  ? ? P     A DG 8  ? ? OP2   A DG 8  ? ? 95.79  105.70 -9.91  0.90 N 
48 1 "O5'" A DG 8  ? ? "C5'" A DG 8  ? ? "C4'" A DG 8  ? ? 98.91  109.40 -10.49 0.80 N 
49 1 "C3'" A DG 8  ? ? "C2'" A DG 8  ? ? "C1'" A DG 8  ? ? 97.37  102.40 -5.03  0.80 N 
50 1 "O4'" A DG 8  ? ? "C1'" A DG 8  ? ? N9    A DG 8  ? ? 110.73 108.30 2.43   0.30 N 
51 1 C6    A DG 8  ? ? N1    A DG 8  ? ? C2    A DG 8  ? ? 121.44 125.10 -3.66  0.60 N 
52 1 C5    A DG 8  ? ? C6    A DG 8  ? ? N1    A DG 8  ? ? 115.87 111.50 4.37   0.50 N 
53 1 C6    A DG 8  ? ? C5    A DG 8  ? ? N7    A DG 8  ? ? 134.24 130.40 3.84   0.60 N 
54 1 N1    A DG 8  ? ? C6    A DG 8  ? ? O6    A DG 8  ? ? 114.03 119.90 -5.87  0.60 N 
55 1 "O5'" A DG 9  ? ? P     A DG 9  ? ? OP2   A DG 9  ? ? 118.41 110.70 7.71   1.20 N 
56 1 P     A DG 9  ? ? "O5'" A DG 9  ? ? "C5'" A DG 9  ? ? 109.14 120.90 -11.76 1.60 N 
57 1 "O4'" A DG 9  ? ? "C1'" A DG 9  ? ? N9    A DG 9  ? ? 112.69 108.30 4.39   0.30 N 
58 1 C4    A DG 9  ? ? C5    A DG 9  ? ? N7    A DG 9  ? ? 107.37 110.80 -3.43  0.40 N 
59 1 N3    A DG 9  ? ? C2    A DG 9  ? ? N2    A DG 9  ? ? 114.72 119.90 -5.18  0.70 N 
60 1 N1    A DG 9  ? ? C6    A DG 9  ? ? O6    A DG 9  ? ? 115.24 119.90 -4.66  0.60 N 
61 1 "C3'" A DG 9  ? ? "O3'" A DG 9  ? ? P     A DT 10 ? ? 143.96 119.70 24.26  1.20 Y 
62 1 OP1   A DT 10 ? ? P     A DT 10 ? ? OP2   A DT 10 ? ? 138.24 119.60 18.64  1.50 N 
63 1 P     A DT 10 ? ? "O5'" A DT 10 ? ? "C5'" A DT 10 ? ? 111.22 120.90 -9.68  1.60 N 
64 1 "O4'" A DT 10 ? ? "C1'" A DT 10 ? ? N1    A DT 10 ? ? 112.07 108.30 3.77   0.30 N 
65 1 C2    A DT 10 ? ? N3    A DT 10 ? ? C4    A DT 10 ? ? 119.40 127.20 -7.80  0.60 N 
66 1 N3    A DT 10 ? ? C4    A DT 10 ? ? C5    A DT 10 ? ? 122.13 115.20 6.93   0.60 N 
67 1 N3    A DT 10 ? ? C4    A DT 10 ? ? O4    A DT 10 ? ? 111.73 119.90 -8.17  0.60 N 
# 
loop_
_chem_comp_atom.comp_id 
_chem_comp_atom.atom_id 
_chem_comp_atom.type_symbol 
_chem_comp_atom.pdbx_aromatic_flag 
_chem_comp_atom.pdbx_stereo_config 
_chem_comp_atom.pdbx_ordinal 
BA  BA     BA N N 1   
DA  OP3    O  N N 2   
DA  P      P  N N 3   
DA  OP1    O  N N 4   
DA  OP2    O  N N 5   
DA  "O5'"  O  N N 6   
DA  "C5'"  C  N N 7   
DA  "C4'"  C  N R 8   
DA  "O4'"  O  N N 9   
DA  "C3'"  C  N S 10  
DA  "O3'"  O  N N 11  
DA  "C2'"  C  N N 12  
DA  "C1'"  C  N R 13  
DA  N9     N  Y N 14  
DA  C8     C  Y N 15  
DA  N7     N  Y N 16  
DA  C5     C  Y N 17  
DA  C6     C  Y N 18  
DA  N6     N  N N 19  
DA  N1     N  Y N 20  
DA  C2     C  Y N 21  
DA  N3     N  Y N 22  
DA  C4     C  Y N 23  
DA  HOP3   H  N N 24  
DA  HOP2   H  N N 25  
DA  "H5'"  H  N N 26  
DA  "H5''" H  N N 27  
DA  "H4'"  H  N N 28  
DA  "H3'"  H  N N 29  
DA  "HO3'" H  N N 30  
DA  "H2'"  H  N N 31  
DA  "H2''" H  N N 32  
DA  "H1'"  H  N N 33  
DA  H8     H  N N 34  
DA  H61    H  N N 35  
DA  H62    H  N N 36  
DA  H2     H  N N 37  
DC  OP3    O  N N 38  
DC  P      P  N N 39  
DC  OP1    O  N N 40  
DC  OP2    O  N N 41  
DC  "O5'"  O  N N 42  
DC  "C5'"  C  N N 43  
DC  "C4'"  C  N R 44  
DC  "O4'"  O  N N 45  
DC  "C3'"  C  N S 46  
DC  "O3'"  O  N N 47  
DC  "C2'"  C  N N 48  
DC  "C1'"  C  N R 49  
DC  N1     N  N N 50  
DC  C2     C  N N 51  
DC  O2     O  N N 52  
DC  N3     N  N N 53  
DC  C4     C  N N 54  
DC  N4     N  N N 55  
DC  C5     C  N N 56  
DC  C6     C  N N 57  
DC  HOP3   H  N N 58  
DC  HOP2   H  N N 59  
DC  "H5'"  H  N N 60  
DC  "H5''" H  N N 61  
DC  "H4'"  H  N N 62  
DC  "H3'"  H  N N 63  
DC  "HO3'" H  N N 64  
DC  "H2'"  H  N N 65  
DC  "H2''" H  N N 66  
DC  "H1'"  H  N N 67  
DC  H41    H  N N 68  
DC  H42    H  N N 69  
DC  H5     H  N N 70  
DC  H6     H  N N 71  
DG  OP3    O  N N 72  
DG  P      P  N N 73  
DG  OP1    O  N N 74  
DG  OP2    O  N N 75  
DG  "O5'"  O  N N 76  
DG  "C5'"  C  N N 77  
DG  "C4'"  C  N R 78  
DG  "O4'"  O  N N 79  
DG  "C3'"  C  N S 80  
DG  "O3'"  O  N N 81  
DG  "C2'"  C  N N 82  
DG  "C1'"  C  N R 83  
DG  N9     N  Y N 84  
DG  C8     C  Y N 85  
DG  N7     N  Y N 86  
DG  C5     C  Y N 87  
DG  C6     C  N N 88  
DG  O6     O  N N 89  
DG  N1     N  N N 90  
DG  C2     C  N N 91  
DG  N2     N  N N 92  
DG  N3     N  N N 93  
DG  C4     C  Y N 94  
DG  HOP3   H  N N 95  
DG  HOP2   H  N N 96  
DG  "H5'"  H  N N 97  
DG  "H5''" H  N N 98  
DG  "H4'"  H  N N 99  
DG  "H3'"  H  N N 100 
DG  "HO3'" H  N N 101 
DG  "H2'"  H  N N 102 
DG  "H2''" H  N N 103 
DG  "H1'"  H  N N 104 
DG  H8     H  N N 105 
DG  H1     H  N N 106 
DG  H21    H  N N 107 
DG  H22    H  N N 108 
DT  OP3    O  N N 109 
DT  P      P  N N 110 
DT  OP1    O  N N 111 
DT  OP2    O  N N 112 
DT  "O5'"  O  N N 113 
DT  "C5'"  C  N N 114 
DT  "C4'"  C  N R 115 
DT  "O4'"  O  N N 116 
DT  "C3'"  C  N S 117 
DT  "O3'"  O  N N 118 
DT  "C2'"  C  N N 119 
DT  "C1'"  C  N R 120 
DT  N1     N  N N 121 
DT  C2     C  N N 122 
DT  O2     O  N N 123 
DT  N3     N  N N 124 
DT  C4     C  N N 125 
DT  O4     O  N N 126 
DT  C5     C  N N 127 
DT  C7     C  N N 128 
DT  C6     C  N N 129 
DT  HOP3   H  N N 130 
DT  HOP2   H  N N 131 
DT  "H5'"  H  N N 132 
DT  "H5''" H  N N 133 
DT  "H4'"  H  N N 134 
DT  "H3'"  H  N N 135 
DT  "HO3'" H  N N 136 
DT  "H2'"  H  N N 137 
DT  "H2''" H  N N 138 
DT  "H1'"  H  N N 139 
DT  H3     H  N N 140 
DT  H71    H  N N 141 
DT  H72    H  N N 142 
DT  H73    H  N N 143 
DT  H6     H  N N 144 
HOH O      O  N N 145 
HOH H1     H  N N 146 
HOH H2     H  N N 147 
# 
loop_
_chem_comp_bond.comp_id 
_chem_comp_bond.atom_id_1 
_chem_comp_bond.atom_id_2 
_chem_comp_bond.value_order 
_chem_comp_bond.pdbx_aromatic_flag 
_chem_comp_bond.pdbx_stereo_config 
_chem_comp_bond.pdbx_ordinal 
DA  OP3   P      sing N N 1   
DA  OP3   HOP3   sing N N 2   
DA  P     OP1    doub N N 3   
DA  P     OP2    sing N N 4   
DA  P     "O5'"  sing N N 5   
DA  OP2   HOP2   sing N N 6   
DA  "O5'" "C5'"  sing N N 7   
DA  "C5'" "C4'"  sing N N 8   
DA  "C5'" "H5'"  sing N N 9   
DA  "C5'" "H5''" sing N N 10  
DA  "C4'" "O4'"  sing N N 11  
DA  "C4'" "C3'"  sing N N 12  
DA  "C4'" "H4'"  sing N N 13  
DA  "O4'" "C1'"  sing N N 14  
DA  "C3'" "O3'"  sing N N 15  
DA  "C3'" "C2'"  sing N N 16  
DA  "C3'" "H3'"  sing N N 17  
DA  "O3'" "HO3'" sing N N 18  
DA  "C2'" "C1'"  sing N N 19  
DA  "C2'" "H2'"  sing N N 20  
DA  "C2'" "H2''" sing N N 21  
DA  "C1'" N9     sing N N 22  
DA  "C1'" "H1'"  sing N N 23  
DA  N9    C8     sing Y N 24  
DA  N9    C4     sing Y N 25  
DA  C8    N7     doub Y N 26  
DA  C8    H8     sing N N 27  
DA  N7    C5     sing Y N 28  
DA  C5    C6     sing Y N 29  
DA  C5    C4     doub Y N 30  
DA  C6    N6     sing N N 31  
DA  C6    N1     doub Y N 32  
DA  N6    H61    sing N N 33  
DA  N6    H62    sing N N 34  
DA  N1    C2     sing Y N 35  
DA  C2    N3     doub Y N 36  
DA  C2    H2     sing N N 37  
DA  N3    C4     sing Y N 38  
DC  OP3   P      sing N N 39  
DC  OP3   HOP3   sing N N 40  
DC  P     OP1    doub N N 41  
DC  P     OP2    sing N N 42  
DC  P     "O5'"  sing N N 43  
DC  OP2   HOP2   sing N N 44  
DC  "O5'" "C5'"  sing N N 45  
DC  "C5'" "C4'"  sing N N 46  
DC  "C5'" "H5'"  sing N N 47  
DC  "C5'" "H5''" sing N N 48  
DC  "C4'" "O4'"  sing N N 49  
DC  "C4'" "C3'"  sing N N 50  
DC  "C4'" "H4'"  sing N N 51  
DC  "O4'" "C1'"  sing N N 52  
DC  "C3'" "O3'"  sing N N 53  
DC  "C3'" "C2'"  sing N N 54  
DC  "C3'" "H3'"  sing N N 55  
DC  "O3'" "HO3'" sing N N 56  
DC  "C2'" "C1'"  sing N N 57  
DC  "C2'" "H2'"  sing N N 58  
DC  "C2'" "H2''" sing N N 59  
DC  "C1'" N1     sing N N 60  
DC  "C1'" "H1'"  sing N N 61  
DC  N1    C2     sing N N 62  
DC  N1    C6     sing N N 63  
DC  C2    O2     doub N N 64  
DC  C2    N3     sing N N 65  
DC  N3    C4     doub N N 66  
DC  C4    N4     sing N N 67  
DC  C4    C5     sing N N 68  
DC  N4    H41    sing N N 69  
DC  N4    H42    sing N N 70  
DC  C5    C6     doub N N 71  
DC  C5    H5     sing N N 72  
DC  C6    H6     sing N N 73  
DG  OP3   P      sing N N 74  
DG  OP3   HOP3   sing N N 75  
DG  P     OP1    doub N N 76  
DG  P     OP2    sing N N 77  
DG  P     "O5'"  sing N N 78  
DG  OP2   HOP2   sing N N 79  
DG  "O5'" "C5'"  sing N N 80  
DG  "C5'" "C4'"  sing N N 81  
DG  "C5'" "H5'"  sing N N 82  
DG  "C5'" "H5''" sing N N 83  
DG  "C4'" "O4'"  sing N N 84  
DG  "C4'" "C3'"  sing N N 85  
DG  "C4'" "H4'"  sing N N 86  
DG  "O4'" "C1'"  sing N N 87  
DG  "C3'" "O3'"  sing N N 88  
DG  "C3'" "C2'"  sing N N 89  
DG  "C3'" "H3'"  sing N N 90  
DG  "O3'" "HO3'" sing N N 91  
DG  "C2'" "C1'"  sing N N 92  
DG  "C2'" "H2'"  sing N N 93  
DG  "C2'" "H2''" sing N N 94  
DG  "C1'" N9     sing N N 95  
DG  "C1'" "H1'"  sing N N 96  
DG  N9    C8     sing Y N 97  
DG  N9    C4     sing Y N 98  
DG  C8    N7     doub Y N 99  
DG  C8    H8     sing N N 100 
DG  N7    C5     sing Y N 101 
DG  C5    C6     sing N N 102 
DG  C5    C4     doub Y N 103 
DG  C6    O6     doub N N 104 
DG  C6    N1     sing N N 105 
DG  N1    C2     sing N N 106 
DG  N1    H1     sing N N 107 
DG  C2    N2     sing N N 108 
DG  C2    N3     doub N N 109 
DG  N2    H21    sing N N 110 
DG  N2    H22    sing N N 111 
DG  N3    C4     sing N N 112 
DT  OP3   P      sing N N 113 
DT  OP3   HOP3   sing N N 114 
DT  P     OP1    doub N N 115 
DT  P     OP2    sing N N 116 
DT  P     "O5'"  sing N N 117 
DT  OP2   HOP2   sing N N 118 
DT  "O5'" "C5'"  sing N N 119 
DT  "C5'" "C4'"  sing N N 120 
DT  "C5'" "H5'"  sing N N 121 
DT  "C5'" "H5''" sing N N 122 
DT  "C4'" "O4'"  sing N N 123 
DT  "C4'" "C3'"  sing N N 124 
DT  "C4'" "H4'"  sing N N 125 
DT  "O4'" "C1'"  sing N N 126 
DT  "C3'" "O3'"  sing N N 127 
DT  "C3'" "C2'"  sing N N 128 
DT  "C3'" "H3'"  sing N N 129 
DT  "O3'" "HO3'" sing N N 130 
DT  "C2'" "C1'"  sing N N 131 
DT  "C2'" "H2'"  sing N N 132 
DT  "C2'" "H2''" sing N N 133 
DT  "C1'" N1     sing N N 134 
DT  "C1'" "H1'"  sing N N 135 
DT  N1    C2     sing N N 136 
DT  N1    C6     sing N N 137 
DT  C2    O2     doub N N 138 
DT  C2    N3     sing N N 139 
DT  N3    C4     sing N N 140 
DT  N3    H3     sing N N 141 
DT  C4    O4     doub N N 142 
DT  C4    C5     sing N N 143 
DT  C5    C7     sing N N 144 
DT  C5    C6     doub N N 145 
DT  C7    H71    sing N N 146 
DT  C7    H72    sing N N 147 
DT  C7    H73    sing N N 148 
DT  C6    H6     sing N N 149 
HOH O     H1     sing N N 150 
HOH O     H2     sing N N 151 
# 
_ndb_struct_conf_na.entry_id   220D 
_ndb_struct_conf_na.feature    'a-form double helix' 
# 
loop_
_ndb_struct_na_base_pair.model_number 
_ndb_struct_na_base_pair.i_label_asym_id 
_ndb_struct_na_base_pair.i_label_comp_id 
_ndb_struct_na_base_pair.i_label_seq_id 
_ndb_struct_na_base_pair.i_symmetry 
_ndb_struct_na_base_pair.j_label_asym_id 
_ndb_struct_na_base_pair.j_label_comp_id 
_ndb_struct_na_base_pair.j_label_seq_id 
_ndb_struct_na_base_pair.j_symmetry 
_ndb_struct_na_base_pair.shear 
_ndb_struct_na_base_pair.stretch 
_ndb_struct_na_base_pair.stagger 
_ndb_struct_na_base_pair.buckle 
_ndb_struct_na_base_pair.propeller 
_ndb_struct_na_base_pair.opening 
_ndb_struct_na_base_pair.pair_number 
_ndb_struct_na_base_pair.pair_name 
_ndb_struct_na_base_pair.i_auth_asym_id 
_ndb_struct_na_base_pair.i_auth_seq_id 
_ndb_struct_na_base_pair.i_PDB_ins_code 
_ndb_struct_na_base_pair.j_auth_asym_id 
_ndb_struct_na_base_pair.j_auth_seq_id 
_ndb_struct_na_base_pair.j_PDB_ins_code 
_ndb_struct_na_base_pair.hbond_type_28 
_ndb_struct_na_base_pair.hbond_type_12 
1 A DA 1  1_555 A DT 10 11_555 0.140  -0.342 0.008  0.573   -16.043 -10.376 1  A_DA1:DT10_A A 1  ? A 10 ? 20 1 
1 A DC 2  1_555 A DG 9  11_555 -0.021 -0.073 -0.237 9.471   -9.145  3.108   2  A_DC2:DG9_A  A 2  ? A 9  ? 19 1 
1 A DC 3  1_555 A DG 8  11_555 0.047  -0.169 -0.265 13.518  -11.335 -2.738  3  A_DC3:DG8_A  A 3  ? A 8  ? 19 1 
1 A DC 4  1_555 A DG 7  11_555 -0.152 -0.068 -0.294 11.244  -15.236 -0.450  4  A_DC4:DG7_A  A 4  ? A 7  ? 19 1 
1 A DG 5  1_555 A DC 6  11_555 0.521  -0.169 -0.048 -0.436  -16.965 0.783   5  A_DG5:DC6_A  A 5  ? A 6  ? 19 1 
1 A DC 6  1_555 A DG 5  11_555 -0.521 -0.169 -0.048 0.436   -16.965 0.783   6  A_DC6:DG5_A  A 6  ? A 5  ? 19 1 
1 A DG 7  1_555 A DC 4  11_555 0.152  -0.068 -0.294 -11.244 -15.236 -0.450  7  A_DG7:DC4_A  A 7  ? A 4  ? 19 1 
1 A DG 8  1_555 A DC 3  11_555 -0.047 -0.169 -0.265 -13.518 -11.335 -2.738  8  A_DG8:DC3_A  A 8  ? A 3  ? 19 1 
1 A DG 9  1_555 A DC 2  11_555 0.021  -0.073 -0.237 -9.471  -9.145  3.108   9  A_DG9:DC2_A  A 9  ? A 2  ? 19 1 
1 A DT 10 1_555 A DA 1  11_555 -0.140 -0.342 0.008  -0.573  -16.043 -10.376 10 A_DT10:DA1_A A 10 ? A 1  ? 20 1 
# 
loop_
_ndb_struct_na_base_pair_step.model_number 
_ndb_struct_na_base_pair_step.i_label_asym_id_1 
_ndb_struct_na_base_pair_step.i_label_comp_id_1 
_ndb_struct_na_base_pair_step.i_label_seq_id_1 
_ndb_struct_na_base_pair_step.i_symmetry_1 
_ndb_struct_na_base_pair_step.j_label_asym_id_1 
_ndb_struct_na_base_pair_step.j_label_comp_id_1 
_ndb_struct_na_base_pair_step.j_label_seq_id_1 
_ndb_struct_na_base_pair_step.j_symmetry_1 
_ndb_struct_na_base_pair_step.i_label_asym_id_2 
_ndb_struct_na_base_pair_step.i_label_comp_id_2 
_ndb_struct_na_base_pair_step.i_label_seq_id_2 
_ndb_struct_na_base_pair_step.i_symmetry_2 
_ndb_struct_na_base_pair_step.j_label_asym_id_2 
_ndb_struct_na_base_pair_step.j_label_comp_id_2 
_ndb_struct_na_base_pair_step.j_label_seq_id_2 
_ndb_struct_na_base_pair_step.j_symmetry_2 
_ndb_struct_na_base_pair_step.shift 
_ndb_struct_na_base_pair_step.slide 
_ndb_struct_na_base_pair_step.rise 
_ndb_struct_na_base_pair_step.tilt 
_ndb_struct_na_base_pair_step.roll 
_ndb_struct_na_base_pair_step.twist 
_ndb_struct_na_base_pair_step.x_displacement 
_ndb_struct_na_base_pair_step.y_displacement 
_ndb_struct_na_base_pair_step.helical_rise 
_ndb_struct_na_base_pair_step.inclination 
_ndb_struct_na_base_pair_step.tip 
_ndb_struct_na_base_pair_step.helical_twist 
_ndb_struct_na_base_pair_step.step_number 
_ndb_struct_na_base_pair_step.step_name 
_ndb_struct_na_base_pair_step.i_auth_asym_id_1 
_ndb_struct_na_base_pair_step.i_auth_seq_id_1 
_ndb_struct_na_base_pair_step.i_PDB_ins_code_1 
_ndb_struct_na_base_pair_step.j_auth_asym_id_1 
_ndb_struct_na_base_pair_step.j_auth_seq_id_1 
_ndb_struct_na_base_pair_step.j_PDB_ins_code_1 
_ndb_struct_na_base_pair_step.i_auth_asym_id_2 
_ndb_struct_na_base_pair_step.i_auth_seq_id_2 
_ndb_struct_na_base_pair_step.i_PDB_ins_code_2 
_ndb_struct_na_base_pair_step.j_auth_asym_id_2 
_ndb_struct_na_base_pair_step.j_auth_seq_id_2 
_ndb_struct_na_base_pair_step.j_PDB_ins_code_2 
1 A DA 1 1_555 A DT 10 11_555 A DC 2  1_555 A DG 9 11_555 1.047  -1.165 3.150 1.204  8.327  29.173 -3.772 -1.777 2.760 16.113 
-2.330 30.337 1 AA_DA1DC2:DG9DT10_AA A 1 ? A 10 ? A 2  ? A 9 ? 
1 A DC 2 1_555 A DG 9  11_555 A DC 3  1_555 A DG 8 11_555 -0.468 -1.564 3.265 -3.392 11.320 31.967 -4.348 0.297  2.612 19.732 
5.912  34.028 2 AA_DC2DC3:DG8DG9_AA  A 2 ? A 9  ? A 3  ? A 8 ? 
1 A DC 3 1_555 A DG 8  11_555 A DC 4  1_555 A DG 7 11_555 -0.484 -1.634 3.526 -3.707 2.870  25.949 -4.398 0.008  3.364 6.325  
8.170  26.362 3 AA_DC3DC4:DG7DG8_AA  A 3 ? A 8  ? A 4  ? A 7 ? 
1 A DC 4 1_555 A DG 7  11_555 A DG 5  1_555 A DC 6 11_555 -0.470 -1.737 3.547 -2.230 11.976 38.559 -3.885 0.426  2.923 17.608 
3.279  40.367 4 AA_DC4DG5:DC6DG7_AA  A 4 ? A 7  ? A 5  ? A 6 ? 
1 A DG 5 1_555 A DC 6  11_555 A DC 6  1_555 A DG 5 11_555 0.000  -1.234 3.314 0.000  9.161  27.441 -4.414 0.000  2.766 18.663 
0.000  28.902 5 AA_DG5DC6:DG5DC6_AA  A 5 ? A 6  ? A 6  ? A 5 ? 
1 A DC 6 1_555 A DG 5  11_555 A DG 7  1_555 A DC 4 11_555 0.470  -1.737 3.547 2.230  11.976 38.559 -3.885 -0.426 2.923 17.608 
-3.278 40.367 6 AA_DC6DG7:DC4DG5_AA  A 6 ? A 5  ? A 7  ? A 4 ? 
1 A DG 7 1_555 A DC 4  11_555 A DG 8  1_555 A DC 3 11_555 0.484  -1.634 3.526 3.707  2.870  25.949 -4.398 -0.008 3.364 6.325  
-8.170 26.362 7 AA_DG7DG8:DC3DC4_AA  A 7 ? A 4  ? A 8  ? A 3 ? 
1 A DG 8 1_555 A DC 3  11_555 A DG 9  1_555 A DC 2 11_555 0.468  -1.564 3.265 3.392  11.320 31.967 -4.348 -0.297 2.612 19.732 
-5.912 34.028 8 AA_DG8DG9:DC2DC3_AA  A 8 ? A 3  ? A 9  ? A 2 ? 
1 A DG 9 1_555 A DC 2  11_555 A DT 10 1_555 A DA 1 11_555 -1.047 -1.165 3.150 -1.204 8.327  29.173 -3.772 1.777  2.760 16.113 
2.330  30.337 9 AA_DG9DT10:DA1DC2_AA A 9 ? A 2  ? A 10 ? A 1 ? 
# 
_atom_sites.entry_id                    220D 
_atom_sites.fract_transf_matrix[1][1]   -0.02841653 
_atom_sites.fract_transf_matrix[1][2]   0.00049523 
_atom_sites.fract_transf_matrix[1][3]   -0.00452591 
_atom_sites.fract_transf_matrix[2][1]   -0.01794454 
_atom_sites.fract_transf_matrix[2][2]   0.00563666 
_atom_sites.fract_transf_matrix[2][3]   0.02178193 
_atom_sites.fract_transf_matrix[3][1]   0.00064695 
_atom_sites.fract_transf_matrix[3][2]   0.01247963 
_atom_sites.fract_transf_matrix[3][3]   -0.00269646 
_atom_sites.fract_transf_vector[1]      0.470960 
_atom_sites.fract_transf_vector[2]      0.798145 
_atom_sites.fract_transf_vector[3]      0.238624 
# 
loop_
_atom_type.symbol 
BA 
C  
N  
O  
P  
# 
loop_
_atom_site.group_PDB 
_atom_site.id 
_atom_site.type_symbol 
_atom_site.label_atom_id 
_atom_site.label_alt_id 
_atom_site.label_comp_id 
_atom_site.label_asym_id 
_atom_site.label_entity_id 
_atom_site.label_seq_id 
_atom_site.pdbx_PDB_ins_code 
_atom_site.Cartn_x 
_atom_site.Cartn_y 
_atom_site.Cartn_z 
_atom_site.occupancy 
_atom_site.B_iso_or_equiv 
_atom_site.pdbx_formal_charge 
_atom_site.auth_seq_id 
_atom_site.auth_comp_id 
_atom_site.auth_asym_id 
_atom_site.auth_atom_id 
_atom_site.pdbx_PDB_model_num 
ATOM   1   O  "O5'" . DA  A 1 1  ? 14.821  -2.833  3.506   1.00 24.03 ? 1  DA  A "O5'" 1 
ATOM   2   C  "C5'" . DA  A 1 1  ? 14.266  -2.491  2.175   1.00 23.53 ? 1  DA  A "C5'" 1 
ATOM   3   C  "C4'" . DA  A 1 1  ? 14.228  -3.836  1.465   1.00 23.31 ? 1  DA  A "C4'" 1 
ATOM   4   O  "O4'" . DA  A 1 1  ? 14.440  -4.939  2.311   1.00 23.08 ? 1  DA  A "O4'" 1 
ATOM   5   C  "C3'" . DA  A 1 1  ? 12.859  -4.067  0.845   1.00 23.38 ? 1  DA  A "C3'" 1 
ATOM   6   O  "O3'" . DA  A 1 1  ? 12.745  -3.275  -0.301  1.00 23.30 ? 1  DA  A "O3'" 1 
ATOM   7   C  "C2'" . DA  A 1 1  ? 12.933  -5.561  0.664   1.00 22.93 ? 1  DA  A "C2'" 1 
ATOM   8   C  "C1'" . DA  A 1 1  ? 13.504  -6.013  1.973   1.00 22.97 ? 1  DA  A "C1'" 1 
ATOM   9   N  N9    . DA  A 1 1  ? 12.606  -6.166  3.128   1.00 22.54 ? 1  DA  A N9    1 
ATOM   10  C  C8    . DA  A 1 1  ? 12.468  -5.191  4.083   1.00 22.62 ? 1  DA  A C8    1 
ATOM   11  N  N7    . DA  A 1 1  ? 11.643  -5.512  5.033   1.00 22.59 ? 1  DA  A N7    1 
ATOM   12  C  C5    . DA  A 1 1  ? 11.253  -6.763  4.711   1.00 22.33 ? 1  DA  A C5    1 
ATOM   13  C  C6    . DA  A 1 1  ? 10.342  -7.588  5.349   1.00 22.40 ? 1  DA  A C6    1 
ATOM   14  N  N6    . DA  A 1 1  ? 9.764   -7.065  6.405   1.00 22.75 ? 1  DA  A N6    1 
ATOM   15  N  N1    . DA  A 1 1  ? 10.128  -8.746  4.797   1.00 22.36 ? 1  DA  A N1    1 
ATOM   16  C  C2    . DA  A 1 1  ? 10.703  -9.125  3.620   1.00 22.34 ? 1  DA  A C2    1 
ATOM   17  N  N3    . DA  A 1 1  ? 11.578  -8.381  2.936   1.00 22.48 ? 1  DA  A N3    1 
ATOM   18  C  C4    . DA  A 1 1  ? 11.820  -7.186  3.557   1.00 22.50 ? 1  DA  A C4    1 
ATOM   19  P  P     . DC  A 1 2  ? 11.377  -2.862  -0.940  1.00 25.42 ? 2  DC  A P     1 
ATOM   20  O  OP1   . DC  A 1 2  ? 11.339  -2.277  -2.210  1.00 24.42 ? 2  DC  A OP1   1 
ATOM   21  O  OP2   . DC  A 1 2  ? 10.994  -2.110  0.374   1.00 24.33 ? 2  DC  A OP2   1 
ATOM   22  O  "O5'" . DC  A 1 2  ? 10.840  -4.254  -1.059  1.00 21.94 ? 2  DC  A "O5'" 1 
ATOM   23  C  "C5'" . DC  A 1 2  ? 10.129  -4.746  -2.169  1.00 21.70 ? 2  DC  A "C5'" 1 
ATOM   24  C  "C4'" . DC  A 1 2  ? 9.399   -5.961  -1.698  1.00 21.38 ? 2  DC  A "C4'" 1 
ATOM   25  O  "O4'" . DC  A 1 2  ? 9.770   -6.383  -0.410  1.00 21.08 ? 2  DC  A "O4'" 1 
ATOM   26  C  "C3'" . DC  A 1 2  ? 7.914   -5.670  -1.491  1.00 21.41 ? 2  DC  A "C3'" 1 
ATOM   27  O  "O3'" . DC  A 1 2  ? 7.360   -5.397  -2.734  1.00 21.35 ? 2  DC  A "O3'" 1 
ATOM   28  C  "C2'" . DC  A 1 2  ? 7.520   -6.960  -0.766  1.00 21.15 ? 2  DC  A "C2'" 1 
ATOM   29  C  "C1'" . DC  A 1 2  ? 8.679   -7.055  0.186   1.00 21.06 ? 2  DC  A "C1'" 1 
ATOM   30  N  N1    . DC  A 1 2  ? 8.535   -6.371  1.497   1.00 20.94 ? 2  DC  A N1    1 
ATOM   31  C  C2    . DC  A 1 2  ? 7.871   -7.089  2.427   1.00 21.00 ? 2  DC  A C2    1 
ATOM   32  O  O2    . DC  A 1 2  ? 7.317   -8.128  2.161   1.00 20.83 ? 2  DC  A O2    1 
ATOM   33  N  N3    . DC  A 1 2  ? 7.721   -6.518  3.697   1.00 21.34 ? 2  DC  A N3    1 
ATOM   34  C  C4    . DC  A 1 2  ? 8.317   -5.336  4.012   1.00 21.21 ? 2  DC  A C4    1 
ATOM   35  N  N4    . DC  A 1 2  ? 8.106   -4.985  5.285   1.00 21.45 ? 2  DC  A N4    1 
ATOM   36  C  C5    . DC  A 1 2  ? 9.046   -4.633  3.025   1.00 21.11 ? 2  DC  A C5    1 
ATOM   37  C  C6    . DC  A 1 2  ? 9.102   -5.170  1.778   1.00 21.03 ? 2  DC  A C6    1 
ATOM   38  P  P     . DC  A 1 3  ? 5.906   -4.791  -2.729  1.00 22.98 ? 3  DC  A P     1 
ATOM   39  O  OP1   . DC  A 1 3  ? 5.466   -4.826  -4.106  1.00 21.99 ? 3  DC  A OP1   1 
ATOM   40  O  OP2   . DC  A 1 3  ? 6.262   -3.412  -2.229  1.00 21.08 ? 3  DC  A OP2   1 
ATOM   41  O  "O5'" . DC  A 1 3  ? 5.072   -5.767  -1.732  1.00 20.22 ? 3  DC  A "O5'" 1 
ATOM   42  C  "C5'" . DC  A 1 3  ? 4.231   -6.521  -2.717  1.00 19.46 ? 3  DC  A "C5'" 1 
ATOM   43  C  "C4'" . DC  A 1 3  ? 3.265   -7.244  -1.769  1.00 19.53 ? 3  DC  A "C4'" 1 
ATOM   44  O  "O4'" . DC  A 1 3  ? 3.978   -7.440  -0.617  1.00 19.30 ? 3  DC  A "O4'" 1 
ATOM   45  C  "C3'" . DC  A 1 3  ? 2.073   -6.422  -1.398  1.00 19.51 ? 3  DC  A "C3'" 1 
ATOM   46  O  "O3'" . DC  A 1 3  ? 0.890   -6.690  -2.183  1.00 19.45 ? 3  DC  A "O3'" 1 
ATOM   47  C  "C2'" . DC  A 1 3  ? 1.797   -6.823  0.049   1.00 19.38 ? 3  DC  A "C2'" 1 
ATOM   48  C  "C1'" . DC  A 1 3  ? 3.134   -7.365  0.495   1.00 19.25 ? 3  DC  A "C1'" 1 
ATOM   49  N  N1    . DC  A 1 3  ? 3.692   -6.463  1.508   1.00 19.05 ? 3  DC  A N1    1 
ATOM   50  C  C2    . DC  A 1 3  ? 3.235   -6.671  2.764   1.00 19.06 ? 3  DC  A C2    1 
ATOM   51  O  O2    . DC  A 1 3  ? 2.392   -7.519  2.946   1.00 18.89 ? 3  DC  A O2    1 
ATOM   52  N  N3    . DC  A 1 3  ? 3.731   -5.837  3.742   1.00 18.96 ? 3  DC  A N3    1 
ATOM   53  C  C4    . DC  A 1 3  ? 4.662   -4.894  3.434   1.00 18.77 ? 3  DC  A C4    1 
ATOM   54  N  N4    . DC  A 1 3  ? 5.110   -4.202  4.520   1.00 18.43 ? 3  DC  A N4    1 
ATOM   55  C  C5    . DC  A 1 3  ? 5.113   -4.677  2.174   1.00 18.51 ? 3  DC  A C5    1 
ATOM   56  C  C6    . DC  A 1 3  ? 4.592   -5.480  1.227   1.00 19.09 ? 3  DC  A C6    1 
ATOM   57  P  P     . DC  A 1 4  ? 0.213   -5.272  -2.609  1.00 23.01 ? 4  DC  A P     1 
ATOM   58  O  OP1   . DC  A 1 4  ? -0.638  -5.857  -3.778  1.00 21.35 ? 4  DC  A OP1   1 
ATOM   59  O  OP2   . DC  A 1 4  ? 1.280   -4.264  -2.398  1.00 19.13 ? 4  DC  A OP2   1 
ATOM   60  O  "O5'" . DC  A 1 4  ? -0.711  -5.332  -1.214  1.00 17.94 ? 4  DC  A "O5'" 1 
ATOM   61  C  "C5'" . DC  A 1 4  ? -1.746  -6.352  -1.362  1.00 17.29 ? 4  DC  A "C5'" 1 
ATOM   62  C  "C4'" . DC  A 1 4  ? -2.258  -6.607  0.077   1.00 17.09 ? 4  DC  A "C4'" 1 
ATOM   63  O  "O4'" . DC  A 1 4  ? -1.091  -6.692  0.890   1.00 16.85 ? 4  DC  A "O4'" 1 
ATOM   64  C  "C3'" . DC  A 1 4  ? -3.065  -5.579  0.748   1.00 17.30 ? 4  DC  A "C3'" 1 
ATOM   65  O  "O3'" . DC  A 1 4  ? -4.517  -5.583  0.605   1.00 17.56 ? 4  DC  A "O3'" 1 
ATOM   66  C  "C2'" . DC  A 1 4  ? -2.888  -6.029  2.305   1.00 16.52 ? 4  DC  A "C2'" 1 
ATOM   67  C  "C1'" . DC  A 1 4  ? -1.510  -6.416  2.292   1.00 16.30 ? 4  DC  A "C1'" 1 
ATOM   68  N  N1    . DC  A 1 4  ? -0.649  -5.353  2.745   1.00 15.54 ? 4  DC  A N1    1 
ATOM   69  C  C2    . DC  A 1 4  ? -0.712  -5.009  4.064   1.00 15.72 ? 4  DC  A C2    1 
ATOM   70  O  O2    . DC  A 1 4  ? -1.518  -5.594  4.795   1.00 14.82 ? 4  DC  A O2    1 
ATOM   71  N  N3    . DC  A 1 4  ? 0.130   -4.035  4.542   1.00 15.44 ? 4  DC  A N3    1 
ATOM   72  C  C4    . DC  A 1 4  ? 1.003   -3.445  3.699   1.00 15.37 ? 4  DC  A C4    1 
ATOM   73  N  N4    . DC  A 1 4  ? 1.808   -2.498  4.269   1.00 15.67 ? 4  DC  A N4    1 
ATOM   74  C  C5    . DC  A 1 4  ? 1.048   -3.723  2.348   1.00 15.39 ? 4  DC  A C5    1 
ATOM   75  C  C6    . DC  A 1 4  ? 0.229   -4.690  1.905   1.00 15.85 ? 4  DC  A C6    1 
ATOM   76  P  P     . DG  A 1 5  ? -5.161  -4.240  0.287   1.00 20.61 ? 5  DG  A P     1 
ATOM   77  O  OP1   . DG  A 1 5  ? -6.125  -4.383  -1.016  1.00 19.32 ? 5  DG  A OP1   1 
ATOM   78  O  OP2   . DG  A 1 5  ? -4.152  -3.387  -0.274  1.00 21.31 ? 5  DG  A OP2   1 
ATOM   79  O  "O5'" . DG  A 1 5  ? -6.287  -4.235  1.373   1.00 18.65 ? 5  DG  A "O5'" 1 
ATOM   80  C  "C5'" . DG  A 1 5  ? -5.545  -4.576  2.573   1.00 18.79 ? 5  DG  A "C5'" 1 
ATOM   81  C  "C4'" . DG  A 1 5  ? -6.486  -4.075  3.697   1.00 18.72 ? 5  DG  A "C4'" 1 
ATOM   82  O  "O4'" . DG  A 1 5  ? -5.676  -4.225  4.826   1.00 18.43 ? 5  DG  A "O4'" 1 
ATOM   83  C  "C3'" . DG  A 1 5  ? -6.890  -2.659  3.627   1.00 18.49 ? 5  DG  A "C3'" 1 
ATOM   84  O  "O3'" . DG  A 1 5  ? -8.225  -2.414  3.180   1.00 18.67 ? 5  DG  A "O3'" 1 
ATOM   85  C  "C2'" . DG  A 1 5  ? -6.705  -2.207  5.058   1.00 18.05 ? 5  DG  A "C2'" 1 
ATOM   86  C  "C1'" . DG  A 1 5  ? -5.473  -2.958  5.437   1.00 18.26 ? 5  DG  A "C1'" 1 
ATOM   87  N  N9    . DG  A 1 5  ? -4.237  -2.318  4.953   1.00 17.89 ? 5  DG  A N9    1 
ATOM   88  C  C8    . DG  A 1 5  ? -3.600  -2.430  3.809   1.00 17.88 ? 5  DG  A C8    1 
ATOM   89  N  N7    . DG  A 1 5  ? -2.510  -1.695  3.722   1.00 17.64 ? 5  DG  A N7    1 
ATOM   90  C  C5    . DG  A 1 5  ? -2.425  -1.068  4.975   1.00 17.85 ? 5  DG  A C5    1 
ATOM   91  C  C6    . DG  A 1 5  ? -1.479  -0.178  5.542   1.00 17.97 ? 5  DG  A C6    1 
ATOM   92  O  O6    . DG  A 1 5  ? -0.436  0.334   5.080   1.00 17.73 ? 5  DG  A O6    1 
ATOM   93  N  N1    . DG  A 1 5  ? -1.758  0.276   6.834   1.00 17.89 ? 5  DG  A N1    1 
ATOM   94  C  C2    . DG  A 1 5  ? -2.889  -0.196  7.456   1.00 17.99 ? 5  DG  A C2    1 
ATOM   95  N  N2    . DG  A 1 5  ? -3.027  0.252   8.678   1.00 18.22 ? 5  DG  A N2    1 
ATOM   96  N  N3    . DG  A 1 5  ? -3.727  -1.108  7.002   1.00 17.87 ? 5  DG  A N3    1 
ATOM   97  C  C4    . DG  A 1 5  ? -3.463  -1.518  5.765   1.00 17.73 ? 5  DG  A C4    1 
ATOM   98  P  P     . DC  A 1 6  ? -8.816  -0.986  2.824   1.00 21.52 ? 6  DC  A P     1 
ATOM   99  O  OP1   . DC  A 1 6  ? -10.268 -1.421  2.351   1.00 20.57 ? 6  DC  A OP1   1 
ATOM   100 O  OP2   . DC  A 1 6  ? -8.208  -0.492  1.622   1.00 19.11 ? 6  DC  A OP2   1 
ATOM   101 O  "O5'" . DC  A 1 6  ? -9.229  -0.416  4.177   1.00 18.02 ? 6  DC  A "O5'" 1 
ATOM   102 C  "C5'" . DC  A 1 6  ? -9.447  0.985   4.195   1.00 18.84 ? 6  DC  A "C5'" 1 
ATOM   103 C  "C4'" . DC  A 1 6  ? -9.117  1.448   5.669   1.00 18.60 ? 6  DC  A "C4'" 1 
ATOM   104 O  "O4'" . DC  A 1 6  ? -7.903  0.870   5.956   1.00 18.89 ? 6  DC  A "O4'" 1 
ATOM   105 C  "C3'" . DC  A 1 6  ? -8.781  2.886   5.767   1.00 18.73 ? 6  DC  A "C3'" 1 
ATOM   106 O  "O3'" . DC  A 1 6  ? -9.865  3.724   5.902   1.00 18.94 ? 6  DC  A "O3'" 1 
ATOM   107 C  "C2'" . DC  A 1 6  ? -7.869  2.981   7.058   1.00 18.63 ? 6  DC  A "C2'" 1 
ATOM   108 C  "C1'" . DC  A 1 6  ? -7.081  1.814   6.779   1.00 19.15 ? 6  DC  A "C1'" 1 
ATOM   109 N  N1    . DC  A 1 6  ? -5.924  2.050   5.922   1.00 18.99 ? 6  DC  A N1    1 
ATOM   110 C  C2    . DC  A 1 6  ? -4.933  2.830   6.393   1.00 19.21 ? 6  DC  A C2    1 
ATOM   111 O  O2    . DC  A 1 6  ? -5.077  3.398   7.469   1.00 19.40 ? 6  DC  A O2    1 
ATOM   112 N  N3    . DC  A 1 6  ? -3.829  2.998   5.622   1.00 18.96 ? 6  DC  A N3    1 
ATOM   113 C  C4    . DC  A 1 6  ? -3.720  2.287   4.432   1.00 19.20 ? 6  DC  A C4    1 
ATOM   114 N  N4    . DC  A 1 6  ? -2.618  2.463   3.659   1.00 19.31 ? 6  DC  A N4    1 
ATOM   115 C  C5    . DC  A 1 6  ? -4.794  1.519   3.920   1.00 19.07 ? 6  DC  A C5    1 
ATOM   116 C  C6    . DC  A 1 6  ? -5.900  1.411   4.680   1.00 19.15 ? 6  DC  A C6    1 
ATOM   117 P  P     . DG  A 1 7  ? -9.969  4.648   4.625   1.00 20.25 ? 7  DG  A P     1 
ATOM   118 O  OP1   . DG  A 1 7  ? -11.311 5.253   4.988   1.00 19.82 ? 7  DG  A OP1   1 
ATOM   119 O  OP2   . DG  A 1 7  ? -9.503  3.847   3.514   1.00 19.97 ? 7  DG  A OP2   1 
ATOM   120 O  "O5'" . DG  A 1 7  ? -9.056  5.907   4.998   1.00 19.78 ? 7  DG  A "O5'" 1 
ATOM   121 C  "C5'" . DG  A 1 7  ? -9.071  6.102   6.455   1.00 19.80 ? 7  DG  A "C5'" 1 
ATOM   122 C  "C4'" . DG  A 1 7  ? -7.976  7.224   6.644   1.00 19.75 ? 7  DG  A "C4'" 1 
ATOM   123 O  "O4'" . DG  A 1 7  ? -6.701  6.553   6.849   1.00 19.57 ? 7  DG  A "O4'" 1 
ATOM   124 C  "C3'" . DG  A 1 7  ? -7.767  8.201   5.617   1.00 19.44 ? 7  DG  A "C3'" 1 
ATOM   125 O  "O3'" . DG  A 1 7  ? -8.594  9.354   5.785   1.00 19.78 ? 7  DG  A "O3'" 1 
ATOM   126 C  "C2'" . DG  A 1 7  ? -6.295  8.689   5.928   1.00 19.65 ? 7  DG  A "C2'" 1 
ATOM   127 C  "C1'" . DG  A 1 7  ? -5.650  7.413   6.331   1.00 18.84 ? 7  DG  A "C1'" 1 
ATOM   128 N  N9    . DG  A 1 7  ? -5.071  6.706   5.167   1.00 17.83 ? 7  DG  A N9    1 
ATOM   129 C  C8    . DG  A 1 7  ? -5.599  5.758   4.399   1.00 17.77 ? 7  DG  A C8    1 
ATOM   130 N  N7    . DG  A 1 7  ? -4.790  5.354   3.426   1.00 17.32 ? 7  DG  A N7    1 
ATOM   131 C  C5    . DG  A 1 7  ? -3.595  6.054   3.688   1.00 17.09 ? 7  DG  A C5    1 
ATOM   132 C  C6    . DG  A 1 7  ? -2.380  6.093   3.045   1.00 17.09 ? 7  DG  A C6    1 
ATOM   133 O  O6    . DG  A 1 7  ? -1.914  5.445   2.127   1.00 16.69 ? 7  DG  A O6    1 
ATOM   134 N  N1    . DG  A 1 7  ? -1.464  7.005   3.558   1.00 17.04 ? 7  DG  A N1    1 
ATOM   135 C  C2    . DG  A 1 7  ? -1.714  7.795   4.598   1.00 17.04 ? 7  DG  A C2    1 
ATOM   136 N  N2    . DG  A 1 7  ? -0.666  8.590   4.930   1.00 16.28 ? 7  DG  A N2    1 
ATOM   137 N  N3    . DG  A 1 7  ? -2.841  7.778   5.248   1.00 17.41 ? 7  DG  A N3    1 
ATOM   138 C  C4    . DG  A 1 7  ? -3.767  6.881   4.727   1.00 17.45 ? 7  DG  A C4    1 
ATOM   139 P  P     . DG  A 1 8  ? -9.040  10.095  4.469   1.00 19.79 ? 8  DG  A P     1 
ATOM   140 O  OP1   . DG  A 1 8  ? -10.075 11.125  5.094   1.00 21.84 ? 8  DG  A OP1   1 
ATOM   141 O  OP2   . DG  A 1 8  ? -9.165  9.714   3.050   1.00 22.56 ? 8  DG  A OP2   1 
ATOM   142 O  "O5'" . DG  A 1 8  ? -7.776  11.075  4.265   1.00 19.62 ? 8  DG  A "O5'" 1 
ATOM   143 C  "C5'" . DG  A 1 8  ? -6.835  10.891  3.196   1.00 19.75 ? 8  DG  A "C5'" 1 
ATOM   144 C  "C4'" . DG  A 1 8  ? -5.658  11.784  3.750   1.00 18.99 ? 8  DG  A "C4'" 1 
ATOM   145 O  "O4'" . DG  A 1 8  ? -4.752  10.865  4.280   1.00 18.99 ? 8  DG  A "O4'" 1 
ATOM   146 C  "C3'" . DG  A 1 8  ? -4.985  12.568  2.721   1.00 19.28 ? 8  DG  A "C3'" 1 
ATOM   147 O  "O3'" . DG  A 1 8  ? -5.313  13.977  2.637   1.00 19.92 ? 8  DG  A "O3'" 1 
ATOM   148 C  "C2'" . DG  A 1 8  ? -3.496  12.435  3.127   1.00 19.16 ? 8  DG  A "C2'" 1 
ATOM   149 C  "C1'" . DG  A 1 8  ? -3.528  11.002  3.500   1.00 18.83 ? 8  DG  A "C1'" 1 
ATOM   150 N  N9    . DG  A 1 8  ? -3.541  10.099  2.359   1.00 18.70 ? 8  DG  A N9    1 
ATOM   151 C  C8    . DG  A 1 8  ? -4.499  9.288   1.899   1.00 18.42 ? 8  DG  A C8    1 
ATOM   152 N  N7    . DG  A 1 8  ? -4.040  8.449   0.983   1.00 18.58 ? 8  DG  A N7    1 
ATOM   153 C  C5    . DG  A 1 8  ? -2.736  8.783   0.764   1.00 18.57 ? 8  DG  A C5    1 
ATOM   154 C  C6    . DG  A 1 8  ? -1.738  8.324   -0.122  1.00 18.59 ? 8  DG  A C6    1 
ATOM   155 O  O6    . DG  A 1 8  ? -1.766  7.389   -0.931  1.00 18.60 ? 8  DG  A O6    1 
ATOM   156 N  N1    . DG  A 1 8  ? -0.516  8.912   0.003   1.00 18.26 ? 8  DG  A N1    1 
ATOM   157 C  C2    . DG  A 1 8  ? -0.282  9.839   0.934   1.00 18.62 ? 8  DG  A C2    1 
ATOM   158 N  N2    . DG  A 1 8  ? 0.962   10.311  0.932   1.00 18.22 ? 8  DG  A N2    1 
ATOM   159 N  N3    . DG  A 1 8  ? -1.179  10.356  1.741   1.00 18.46 ? 8  DG  A N3    1 
ATOM   160 C  C4    . DG  A 1 8  ? -2.378  9.763   1.642   1.00 18.56 ? 8  DG  A C4    1 
ATOM   161 P  P     . DG  A 1 9  ? -5.433  14.665  1.194   1.00 21.11 ? 9  DG  A P     1 
ATOM   162 O  OP1   . DG  A 1 9  ? -6.641  15.495  1.223   1.00 23.88 ? 9  DG  A OP1   1 
ATOM   163 O  OP2   . DG  A 1 9  ? -5.488  13.504  0.260   1.00 25.36 ? 9  DG  A OP2   1 
ATOM   164 O  "O5'" . DG  A 1 9  ? -4.099  15.563  1.220   1.00 23.32 ? 9  DG  A "O5'" 1 
ATOM   165 C  "C5'" . DG  A 1 9  ? -2.953  14.703  1.294   1.00 23.40 ? 9  DG  A "C5'" 1 
ATOM   166 C  "C4'" . DG  A 1 9  ? -1.892  15.170  0.335   1.00 23.59 ? 9  DG  A "C4'" 1 
ATOM   167 O  "O4'" . DG  A 1 9  ? -0.977  14.037  0.321   1.00 23.74 ? 9  DG  A "O4'" 1 
ATOM   168 C  "C3'" . DG  A 1 9  ? -2.163  15.430  -1.117  1.00 23.98 ? 9  DG  A "C3'" 1 
ATOM   169 O  "O3'" . DG  A 1 9  ? -2.274  16.795  -1.617  1.00 24.19 ? 9  DG  A "O3'" 1 
ATOM   170 C  "C2'" . DG  A 1 9  ? -0.912  14.868  -1.828  1.00 23.62 ? 9  DG  A "C2'" 1 
ATOM   171 C  "C1'" . DG  A 1 9  ? -0.630  13.692  -1.011  1.00 23.42 ? 9  DG  A "C1'" 1 
ATOM   172 N  N9    . DG  A 1 9  ? -1.422  12.571  -1.530  1.00 23.48 ? 9  DG  A N9    1 
ATOM   173 C  C8    . DG  A 1 9  ? -2.695  12.217  -1.394  1.00 23.48 ? 9  DG  A C8    1 
ATOM   174 N  N7    . DG  A 1 9  ? -2.991  11.059  -1.967  1.00 23.79 ? 9  DG  A N7    1 
ATOM   175 C  C5    . DG  A 1 9  ? -1.814  10.650  -2.613  1.00 23.60 ? 9  DG  A C5    1 
ATOM   176 C  C6    . DG  A 1 9  ? -1.480  9.549   -3.440  1.00 23.75 ? 9  DG  A C6    1 
ATOM   177 O  O6    . DG  A 1 9  ? -2.148  8.512   -3.800  1.00 23.61 ? 9  DG  A O6    1 
ATOM   178 N  N1    . DG  A 1 9  ? -0.176  9.604   -3.909  1.00 23.72 ? 9  DG  A N1    1 
ATOM   179 C  C2    . DG  A 1 9  ? 0.708   10.569  -3.568  1.00 23.81 ? 9  DG  A C2    1 
ATOM   180 N  N2    . DG  A 1 9  ? 1.974   10.505  -4.009  1.00 23.74 ? 9  DG  A N2    1 
ATOM   181 N  N3    . DG  A 1 9  ? 0.441   11.630  -2.768  1.00 23.69 ? 9  DG  A N3    1 
ATOM   182 C  C4    . DG  A 1 9  ? -0.855  11.608  -2.365  1.00 23.67 ? 9  DG  A C4    1 
ATOM   183 P  P     . DT  A 1 10 ? -2.259  17.706  -2.961  1.00 30.39 ? 10 DT  A P     1 
ATOM   184 O  OP1   . DT  A 1 10 ? -1.397  18.929  -2.843  1.00 24.51 ? 10 DT  A OP1   1 
ATOM   185 O  OP2   . DT  A 1 10 ? -3.615  17.368  -3.365  1.00 25.88 ? 10 DT  A OP2   1 
ATOM   186 O  "O5'" . DT  A 1 10 ? -1.349  16.790  -3.980  1.00 25.09 ? 10 DT  A "O5'" 1 
ATOM   187 C  "C5'" . DT  A 1 10 ? 0.073   16.870  -3.638  1.00 24.68 ? 10 DT  A "C5'" 1 
ATOM   188 C  "C4'" . DT  A 1 10 ? 0.811   16.654  -4.942  1.00 24.26 ? 10 DT  A "C4'" 1 
ATOM   189 O  "O4'" . DT  A 1 10 ? 1.412   15.387  -4.873  1.00 24.21 ? 10 DT  A "O4'" 1 
ATOM   190 C  "C3'" . DT  A 1 10 ? -0.027  16.683  -6.234  1.00 24.03 ? 10 DT  A "C3'" 1 
ATOM   191 O  "O3'" . DT  A 1 10 ? -0.177  18.075  -6.647  1.00 24.04 ? 10 DT  A "O3'" 1 
ATOM   192 C  "C2'" . DT  A 1 10 ? 0.747   15.800  -7.167  1.00 23.69 ? 10 DT  A "C2'" 1 
ATOM   193 C  "C1'" . DT  A 1 10 ? 1.281   14.746  -6.132  1.00 23.67 ? 10 DT  A "C1'" 1 
ATOM   194 N  N1    . DT  A 1 10 ? 0.244   13.713  -6.118  1.00 23.52 ? 10 DT  A N1    1 
ATOM   195 C  C2    . DT  A 1 10 ? 0.559   12.566  -6.791  1.00 23.43 ? 10 DT  A C2    1 
ATOM   196 O  O2    . DT  A 1 10 ? 1.676   12.394  -7.278  1.00 23.18 ? 10 DT  A O2    1 
ATOM   197 N  N3    . DT  A 1 10 ? -0.403  11.612  -6.910  1.00 23.42 ? 10 DT  A N3    1 
ATOM   198 C  C4    . DT  A 1 10 ? -1.636  11.823  -6.342  1.00 23.21 ? 10 DT  A C4    1 
ATOM   199 O  O4    . DT  A 1 10 ? -2.400  10.840  -6.512  1.00 23.21 ? 10 DT  A O4    1 
ATOM   200 C  C5    . DT  A 1 10 ? -1.955  13.019  -5.666  1.00 23.14 ? 10 DT  A C5    1 
ATOM   201 C  C7    . DT  A 1 10 ? -3.331  13.269  -5.133  1.00 22.94 ? 10 DT  A C7    1 
ATOM   202 C  C6    . DT  A 1 10 ? -1.010  13.954  -5.598  1.00 23.24 ? 10 DT  A C6    1 
HETATM 203 BA BA    . BA  B 2 .  ? -12.764 -19.658 -15.044 1.00 74.53 ? 11 BA  A BA    1 
HETATM 204 O  O     . HOH C 3 .  ? 0.909   -17.848 -19.219 1.00 48.06 ? 12 HOH A O     1 
HETATM 205 O  O     . HOH C 3 .  ? -0.937  -19.671 -29.326 1.00 47.23 ? 13 HOH A O     1 
HETATM 206 O  O     . HOH C 3 .  ? 1.067   2.174   2.891   1.00 34.56 ? 14 HOH A O     1 
HETATM 207 O  O     . HOH C 3 .  ? 12.065  -1.550  -4.408  1.00 38.57 ? 15 HOH A O     1 
HETATM 208 O  O     . HOH C 3 .  ? -10.794 -14.474 -12.343 1.00 62.57 ? 16 HOH A O     1 
HETATM 209 O  O     . HOH C 3 .  ? -0.515  -14.383 -2.746  1.00 29.24 ? 17 HOH A O     1 
HETATM 210 O  O     . HOH C 3 .  ? 4.216   -0.749  2.615   1.00 28.94 ? 18 HOH A O     1 
HETATM 211 O  O     . HOH C 3 .  ? -7.730  -14.133 2.061   1.00 42.29 ? 19 HOH A O     1 
HETATM 212 O  O     . HOH C 3 .  ? 7.438   -12.809 14.349  1.00 33.20 ? 20 HOH A O     1 
HETATM 213 O  O     . HOH C 3 .  ? -0.899  -14.240 8.763   1.00 33.79 ? 21 HOH A O     1 
HETATM 214 O  O     . HOH C 3 .  ? 7.264   -17.933 13.400  1.00 50.83 ? 22 HOH A O     1 
HETATM 215 O  O     . HOH C 3 .  ? -1.616  21.324  -4.679  1.00 40.29 ? 23 HOH A O     1 
HETATM 216 O  O     . HOH C 3 .  ? 19.258  -17.411 -17.433 1.00 51.30 ? 24 HOH A O     1 
HETATM 217 O  O     . HOH C 3 .  ? 6.052   -16.993 -16.516 1.00 30.19 ? 25 HOH A O     1 
HETATM 218 O  O     . HOH C 3 .  ? 11.304  -13.450 2.443   1.00 44.35 ? 26 HOH A O     1 
HETATM 219 O  O     . HOH C 3 .  ? 13.008  -8.231  15.824  1.00 36.15 ? 27 HOH A O     1 
HETATM 220 O  O     . HOH C 3 .  ? 1.716   -1.684  -4.653  1.00 43.98 ? 28 HOH A O     1 
HETATM 221 O  O     . HOH C 3 .  ? -7.516  -13.771 -4.113  1.00 42.09 ? 29 HOH A O     1 
HETATM 222 O  O     . HOH C 3 .  ? -10.390 -10.827 -0.328  1.00 42.35 ? 30 HOH A O     1 
HETATM 223 O  O     . HOH C 3 .  ? -2.461  24.019  -5.797  1.00 48.81 ? 31 HOH A O     1 
HETATM 224 O  O     . HOH C 3 .  ? 14.592  -17.366 -12.263 1.00 43.53 ? 32 HOH A O     1 
HETATM 225 O  O     . HOH C 3 .  ? 4.570   10.104  -6.147  1.00 44.87 ? 33 HOH A O     1 
HETATM 226 O  O     . HOH C 3 .  ? -4.573  -15.816 -4.934  1.00 46.33 ? 34 HOH A O     1 
HETATM 227 O  O     . HOH C 3 .  ? -9.314  -15.202 -7.051  1.00 52.75 ? 35 HOH A O     1 
HETATM 228 O  O     . HOH C 3 .  ? -13.274 -14.887 -7.581  1.00 39.70 ? 36 HOH A O     1 
HETATM 229 O  O     . HOH C 3 .  ? -1.119  -13.156 4.271   1.00 39.56 ? 37 HOH A O     1 
HETATM 230 O  O     . HOH C 3 .  ? -16.572 -14.820 -6.133  1.00 49.42 ? 38 HOH A O     1 
HETATM 231 O  O     . HOH C 3 .  ? -8.005  -22.427 -36.800 1.00 48.36 ? 39 HOH A O     1 
HETATM 232 O  O     . HOH C 3 .  ? -4.623  -21.676 -28.544 1.00 53.55 ? 40 HOH A O     1 
HETATM 233 O  O     . HOH C 3 .  ? 8.552   -1.291  2.739   1.00 38.95 ? 41 HOH A O     1 
HETATM 234 O  O     . HOH C 3 .  ? 0.221   11.845  3.652   1.00 43.42 ? 42 HOH A O     1 
HETATM 235 O  O     . HOH C 3 .  ? 11.260  -18.952 -13.280 1.00 51.02 ? 43 HOH A O     1 
HETATM 236 O  O     . HOH C 3 .  ? 11.221  -2.494  6.709   1.00 55.27 ? 44 HOH A O     1 
HETATM 237 O  O     . HOH C 3 .  ? -6.789  -3.169  -4.109  1.00 30.59 ? 45 HOH A O     1 
HETATM 238 O  O     . HOH C 3 .  ? -4.515  -15.839 6.170   1.00 35.80 ? 46 HOH A O     1 
HETATM 239 O  O     . HOH C 3 .  ? -4.318  -23.736 -31.922 1.00 48.13 ? 47 HOH A O     1 
HETATM 240 O  O     . HOH C 3 .  ? 0.789   -21.331 -25.280 1.00 50.24 ? 48 HOH A O     1 
HETATM 241 O  O     . HOH C 3 .  ? 15.185  -20.326 -9.724  1.00 51.22 ? 49 HOH A O     1 
HETATM 242 O  O     . HOH C 3 .  ? -0.914  -24.171 -28.818 1.00 44.48 ? 50 HOH A O     1 
HETATM 243 O  O     . HOH C 3 .  ? 9.986   -22.421 -17.959 1.00 27.38 ? 51 HOH A O     1 
HETATM 244 O  O     . HOH C 3 .  ? -9.818  -16.967 -2.952  1.00 46.26 ? 52 HOH A O     1 
HETATM 245 O  O     . HOH C 3 .  ? 3.941   11.358  -8.315  1.00 26.72 ? 53 HOH A O     1 
HETATM 246 O  O     . HOH C 3 .  ? 4.172   12.357  -3.155  1.00 30.22 ? 54 HOH A O     1 
HETATM 247 O  O     . HOH C 3 .  ? -3.379  -10.430 4.307   1.00 34.55 ? 55 HOH A O     1 
HETATM 248 O  O     . HOH C 3 .  ? 13.399  -12.227 14.241  1.00 31.54 ? 56 HOH A O     1 
HETATM 249 O  O     . HOH C 3 .  ? 10.590  -11.048 17.948  1.00 30.28 ? 57 HOH A O     1 
HETATM 250 O  O     . HOH C 3 .  ? 14.871  -20.130 -16.791 1.00 33.33 ? 58 HOH A O     1 
HETATM 251 O  O     . HOH C 3 .  ? -12.897 -21.098 -12.242 1.00 29.74 ? 59 HOH A O     1 
# 
